data_6J42
#
_entry.id   6J42
#
_cell.length_a   102.070
_cell.length_b   102.070
_cell.length_c   138.980
_cell.angle_alpha   90.00
_cell.angle_beta   90.00
_cell.angle_gamma   90.00
#
_symmetry.space_group_name_H-M   'P 41 21 2'
#
loop_
_entity.id
_entity.type
_entity.pdbx_description
1 polymer 'Alr3090 protein'
2 non-polymer 'MANGANESE (II) ION'
3 non-polymer 'CALCIUM ION'
4 non-polymer 'TETRAETHYLENE GLYCOL'
5 water water
#
_entity_poly.entity_id   1
_entity_poly.type   'polypeptide(L)'
_entity_poly.pdbx_seq_one_letter_code
;MFFHKKEPIHVVNIGEANPRFAQLLLEQFGGATGELSAALQYWVQSFHVENAGIKDMLQDIAIEEFSHLEMVGKLIEAHT
KNVDQTEAYKSTLFAVRGMGPHFLDSQGNAWTASYLNEGGDVVRDLRANIAAEAGARQTYEELIKLSPDEGTKQTLVHLL
TREISHTQMFMKALDSLGKLTDPFFGNVQPDETVALYYNLSSNGNGHDERGPWNSEPAFKYVANPLEKHSHHHHHH
;
_entity_poly.pdbx_strand_id   A,B,C
#
loop_
_chem_comp.id
_chem_comp.type
_chem_comp.name
_chem_comp.formula
CA non-polymer 'CALCIUM ION' 'Ca 2'
MN non-polymer 'MANGANESE (II) ION' 'Mn 2'
PG4 non-polymer 'TETRAETHYLENE GLYCOL' 'C8 H18 O5'
#
# COMPACT_ATOMS: atom_id res chain seq x y z
N MET A 1 -9.55 -2.90 -20.27
CA MET A 1 -8.74 -1.72 -19.97
C MET A 1 -9.47 -0.72 -19.09
N PHE A 2 -8.70 0.02 -18.30
CA PHE A 2 -9.25 1.06 -17.44
C PHE A 2 -9.07 2.44 -18.04
N PHE A 3 -9.99 3.34 -17.74
CA PHE A 3 -9.92 4.71 -18.23
C PHE A 3 -10.41 5.69 -17.18
N HIS A 4 -9.89 6.91 -17.23
CA HIS A 4 -10.16 7.89 -16.17
C HIS A 4 -10.35 9.30 -16.70
N LYS A 5 -11.54 9.84 -16.50
CA LYS A 5 -11.78 11.27 -16.68
C LYS A 5 -11.67 11.91 -15.31
N LYS A 6 -11.38 13.21 -15.25
CA LYS A 6 -10.91 13.80 -14.01
C LYS A 6 -11.98 14.28 -13.02
N GLU A 7 -13.20 14.51 -13.49
CA GLU A 7 -14.24 14.97 -12.58
C GLU A 7 -15.05 13.79 -12.04
N PRO A 8 -15.40 13.83 -10.74
CA PRO A 8 -16.14 12.75 -10.08
C PRO A 8 -17.57 12.59 -10.58
N ILE A 9 -18.31 11.65 -9.99
CA ILE A 9 -19.73 11.44 -10.32
C ILE A 9 -20.52 12.73 -10.13
N HIS A 10 -20.13 13.50 -9.12
CA HIS A 10 -20.67 14.84 -8.92
C HIS A 10 -19.71 15.67 -8.07
N VAL A 11 -19.86 16.98 -8.13
CA VAL A 11 -18.99 17.92 -7.42
C VAL A 11 -18.94 17.64 -5.92
N VAL A 12 -17.73 17.63 -5.36
CA VAL A 12 -17.58 17.50 -3.92
C VAL A 12 -17.42 18.89 -3.28
N ASN A 13 -18.28 19.18 -2.31
CA ASN A 13 -18.23 20.47 -1.63
C ASN A 13 -18.31 20.30 -0.11
N ILE A 14 -17.47 21.04 0.61
CA ILE A 14 -17.45 21.01 2.07
C ILE A 14 -17.44 22.42 2.63
N GLY A 15 -17.52 22.53 3.96
CA GLY A 15 -17.39 23.82 4.62
C GLY A 15 -15.93 24.10 4.92
N GLU A 16 -15.63 24.37 6.18
CA GLU A 16 -14.24 24.48 6.61
C GLU A 16 -13.64 23.07 6.69
N ALA A 17 -12.31 22.98 6.69
CA ALA A 17 -11.67 21.68 6.82
C ALA A 17 -11.89 21.13 8.22
N ASN A 18 -12.27 19.86 8.31
CA ASN A 18 -12.43 19.19 9.58
C ASN A 18 -11.62 17.90 9.57
N PRO A 19 -10.30 18.02 9.81
CA PRO A 19 -9.37 16.90 9.72
C PRO A 19 -9.74 15.73 10.62
N ARG A 20 -10.38 16.02 11.76
CA ARG A 20 -10.80 14.96 12.66
C ARG A 20 -11.91 14.13 12.02
N PHE A 21 -12.79 14.77 11.27
CA PHE A 21 -13.82 14.03 10.53
C PHE A 21 -13.20 13.27 9.36
N ALA A 22 -12.14 13.83 8.78
CA ALA A 22 -11.49 13.20 7.64
C ALA A 22 -10.89 11.85 8.05
N GLN A 23 -10.41 11.76 9.28
CA GLN A 23 -9.84 10.51 9.76
C GLN A 23 -10.93 9.45 9.89
N LEU A 24 -12.08 9.84 10.42
CA LEU A 24 -13.24 8.95 10.48
C LEU A 24 -13.62 8.50 9.09
N LEU A 25 -13.56 9.43 8.15
CA LEU A 25 -13.93 9.21 6.76
C LEU A 25 -13.03 8.17 6.07
N LEU A 26 -11.87 7.91 6.66
CA LEU A 26 -10.92 6.95 6.10
C LEU A 26 -11.52 5.55 6.06
N GLU A 27 -12.50 5.29 6.91
CA GLU A 27 -13.24 4.03 6.91
C GLU A 27 -13.80 3.70 5.53
N GLN A 28 -14.28 4.73 4.84
CA GLN A 28 -14.86 4.53 3.51
C GLN A 28 -13.80 4.55 2.42
N PHE A 29 -12.56 4.76 2.81
CA PHE A 29 -11.45 4.77 1.87
C PHE A 29 -10.62 3.49 2.03
N GLY A 30 -9.94 3.36 3.16
CA GLY A 30 -9.12 2.19 3.42
C GLY A 30 -9.66 1.27 4.50
N GLY A 31 -10.94 1.41 4.82
CA GLY A 31 -11.57 0.59 5.85
C GLY A 31 -12.22 -0.66 5.29
N ALA A 32 -12.72 -1.51 6.19
CA ALA A 32 -13.32 -2.79 5.81
C ALA A 32 -14.58 -2.63 4.95
N THR A 33 -15.43 -1.68 5.33
CA THR A 33 -16.69 -1.46 4.62
C THR A 33 -16.52 -0.39 3.55
N GLY A 34 -15.27 0.03 3.34
CA GLY A 34 -14.97 1.11 2.43
C GLY A 34 -15.11 0.78 0.96
N GLU A 35 -14.77 1.75 0.11
CA GLU A 35 -14.98 1.64 -1.32
C GLU A 35 -13.99 0.72 -2.02
N LEU A 36 -12.79 0.59 -1.44
CA LEU A 36 -11.78 -0.29 -2.02
C LEU A 36 -12.20 -1.74 -1.84
N SER A 37 -12.80 -2.04 -0.68
CA SER A 37 -13.33 -3.36 -0.43
C SER A 37 -14.40 -3.72 -1.44
N ALA A 38 -15.33 -2.79 -1.64
CA ALA A 38 -16.41 -2.97 -2.61
C ALA A 38 -15.86 -3.15 -4.03
N ALA A 39 -15.02 -2.22 -4.46
CA ALA A 39 -14.45 -2.26 -5.81
C ALA A 39 -13.71 -3.57 -6.08
N LEU A 40 -12.75 -3.89 -5.22
CA LEU A 40 -11.92 -5.08 -5.42
C LEU A 40 -12.70 -6.38 -5.34
N GLN A 41 -13.61 -6.48 -4.38
CA GLN A 41 -14.38 -7.71 -4.20
C GLN A 41 -15.22 -8.04 -5.42
N TYR A 42 -15.96 -7.05 -5.92
CA TYR A 42 -16.86 -7.28 -7.04
C TYR A 42 -16.04 -7.54 -8.30
N TRP A 43 -14.95 -6.81 -8.45
CA TRP A 43 -14.07 -6.96 -9.61
C TRP A 43 -13.38 -8.33 -9.64
N VAL A 44 -12.80 -8.74 -8.51
CA VAL A 44 -12.09 -10.01 -8.45
C VAL A 44 -13.06 -11.17 -8.70
N GLN A 45 -14.32 -10.97 -8.34
CA GLN A 45 -15.35 -11.98 -8.56
C GLN A 45 -15.62 -12.18 -10.04
N SER A 46 -15.53 -11.09 -10.81
CA SER A 46 -15.88 -11.10 -12.22
C SER A 46 -14.99 -12.04 -13.03
N PHE A 47 -13.84 -12.38 -12.48
CA PHE A 47 -12.87 -13.23 -13.16
C PHE A 47 -13.28 -14.71 -13.15
N HIS A 48 -14.28 -15.07 -12.36
CA HIS A 48 -14.67 -16.47 -12.26
C HIS A 48 -16.18 -16.69 -12.30
N VAL A 49 -16.95 -15.60 -12.42
CA VAL A 49 -18.39 -15.72 -12.60
C VAL A 49 -18.68 -16.07 -14.07
N GLU A 50 -19.37 -17.20 -14.29
CA GLU A 50 -19.59 -17.70 -15.64
C GLU A 50 -20.78 -17.06 -16.32
N ASN A 51 -21.74 -16.59 -15.53
CA ASN A 51 -22.89 -15.88 -16.07
C ASN A 51 -22.44 -14.51 -16.61
N ALA A 52 -22.38 -14.40 -17.93
CA ALA A 52 -21.93 -13.18 -18.60
C ALA A 52 -22.69 -11.94 -18.16
N GLY A 53 -23.98 -12.11 -17.90
CA GLY A 53 -24.81 -11.00 -17.44
C GLY A 53 -24.44 -10.54 -16.05
N ILE A 54 -24.29 -11.50 -15.13
CA ILE A 54 -23.92 -11.18 -13.76
C ILE A 54 -22.48 -10.68 -13.71
N LYS A 55 -21.62 -11.25 -14.54
CA LYS A 55 -20.24 -10.80 -14.64
C LYS A 55 -20.18 -9.32 -15.01
N ASP A 56 -20.94 -8.94 -16.03
CA ASP A 56 -20.97 -7.55 -16.49
C ASP A 56 -21.50 -6.61 -15.42
N MET A 57 -22.53 -7.06 -14.70
CA MET A 57 -23.13 -6.29 -13.62
C MET A 57 -22.11 -6.02 -12.53
N LEU A 58 -21.32 -7.04 -12.19
CA LEU A 58 -20.28 -6.91 -11.18
C LEU A 58 -19.24 -5.89 -11.62
N GLN A 59 -18.87 -5.94 -12.89
CA GLN A 59 -17.91 -4.99 -13.44
C GLN A 59 -18.50 -3.58 -13.44
N ASP A 60 -19.74 -3.46 -13.92
CA ASP A 60 -20.44 -2.18 -13.90
C ASP A 60 -20.40 -1.54 -12.50
N ILE A 61 -20.75 -2.33 -11.49
CA ILE A 61 -20.82 -1.82 -10.13
C ILE A 61 -19.44 -1.50 -9.57
N ALA A 62 -18.47 -2.39 -9.80
CA ALA A 62 -17.11 -2.20 -9.30
C ALA A 62 -16.49 -0.89 -9.79
N ILE A 63 -16.71 -0.58 -11.07
CA ILE A 63 -16.17 0.64 -11.66
C ILE A 63 -16.81 1.87 -11.02
N GLU A 64 -18.08 1.74 -10.63
CA GLU A 64 -18.73 2.84 -9.92
C GLU A 64 -18.18 2.97 -8.51
N GLU A 65 -17.84 1.83 -7.88
CA GLU A 65 -17.24 1.86 -6.55
C GLU A 65 -15.89 2.55 -6.59
N PHE A 66 -15.17 2.39 -7.70
CA PHE A 66 -13.90 3.09 -7.87
C PHE A 66 -14.13 4.60 -7.89
N SER A 67 -15.17 5.04 -8.58
CA SER A 67 -15.51 6.46 -8.64
C SER A 67 -15.91 6.99 -7.26
N HIS A 68 -16.62 6.17 -6.48
CA HIS A 68 -16.97 6.55 -5.11
C HIS A 68 -15.71 6.69 -4.28
N LEU A 69 -14.75 5.78 -4.51
CA LEU A 69 -13.48 5.79 -3.82
C LEU A 69 -12.72 7.09 -4.07
N GLU A 70 -12.78 7.56 -5.32
CA GLU A 70 -12.15 8.82 -5.70
C GLU A 70 -12.79 9.98 -4.95
N MET A 71 -14.11 9.96 -4.89
CA MET A 71 -14.86 10.99 -4.18
C MET A 71 -14.51 11.04 -2.69
N VAL A 72 -14.50 9.88 -2.04
CA VAL A 72 -14.15 9.80 -0.63
C VAL A 72 -12.75 10.35 -0.40
N GLY A 73 -11.84 10.00 -1.30
CA GLY A 73 -10.47 10.50 -1.24
C GLY A 73 -10.44 12.01 -1.35
N LYS A 74 -11.24 12.56 -2.26
CA LYS A 74 -11.27 13.99 -2.50
C LYS A 74 -11.90 14.76 -1.34
N LEU A 75 -12.91 14.16 -0.70
CA LEU A 75 -13.48 14.73 0.52
C LEU A 75 -12.42 14.77 1.61
N ILE A 76 -11.71 13.65 1.79
CA ILE A 76 -10.66 13.55 2.79
C ILE A 76 -9.54 14.54 2.47
N GLU A 77 -9.25 14.72 1.19
CA GLU A 77 -8.26 15.69 0.74
C GLU A 77 -8.64 17.10 1.16
N ALA A 78 -9.88 17.49 0.86
CA ALA A 78 -10.35 18.83 1.16
C ALA A 78 -10.38 19.10 2.66
N HIS A 79 -10.73 18.09 3.44
CA HIS A 79 -10.84 18.26 4.89
C HIS A 79 -9.48 18.20 5.59
N THR A 80 -8.41 17.99 4.83
CA THR A 80 -7.08 17.94 5.43
C THR A 80 -6.10 18.92 4.79
N LYS A 81 -6.55 19.70 3.81
CA LYS A 81 -5.63 20.60 3.12
C LYS A 81 -5.56 21.97 3.77
N ASN A 82 -4.35 22.54 3.76
CA ASN A 82 -4.06 23.89 4.24
C ASN A 82 -4.31 24.12 5.73
N VAL A 83 -4.41 23.03 6.49
CA VAL A 83 -4.71 23.18 7.92
C VAL A 83 -3.68 22.47 8.80
N ASP A 84 -2.42 22.50 8.35
CA ASP A 84 -1.33 21.82 9.06
C ASP A 84 -1.12 22.33 10.49
N GLN A 85 -1.19 23.64 10.68
CA GLN A 85 -0.85 24.23 11.97
C GLN A 85 -1.96 24.06 13.01
N THR A 86 -3.18 23.85 12.54
CA THR A 86 -4.33 23.76 13.43
C THR A 86 -4.19 22.59 14.40
N GLU A 87 -4.68 22.77 15.63
CA GLU A 87 -4.51 21.78 16.68
C GLU A 87 -5.32 20.51 16.41
N ALA A 88 -6.44 20.66 15.70
CA ALA A 88 -7.27 19.51 15.32
C ALA A 88 -6.47 18.56 14.42
N TYR A 89 -5.83 19.13 13.40
CA TYR A 89 -5.00 18.37 12.47
C TYR A 89 -3.91 17.61 13.22
N LYS A 90 -3.31 18.27 14.21
CA LYS A 90 -2.21 17.68 14.96
C LYS A 90 -2.68 16.52 15.85
N SER A 91 -3.99 16.45 16.09
CA SER A 91 -4.55 15.35 16.87
C SER A 91 -4.85 14.14 15.98
N THR A 92 -4.70 14.30 14.67
CA THR A 92 -4.98 13.23 13.73
C THR A 92 -3.70 12.54 13.23
N LEU A 93 -3.89 11.41 12.56
CA LEU A 93 -2.78 10.63 12.01
C LEU A 93 -2.18 11.30 10.78
N PHE A 94 -2.87 12.30 10.24
CA PHE A 94 -2.36 13.04 9.10
C PHE A 94 -1.09 13.82 9.46
N ALA A 95 -0.96 14.15 10.75
CA ALA A 95 0.20 14.88 11.24
C ALA A 95 1.51 14.16 10.94
N VAL A 96 1.47 12.83 10.99
CA VAL A 96 2.67 12.04 10.75
C VAL A 96 2.63 11.31 9.40
N ARG A 97 1.43 11.12 8.86
CA ARG A 97 1.27 10.36 7.62
C ARG A 97 1.12 11.26 6.40
N GLY A 98 0.86 12.53 6.64
CA GLY A 98 0.70 13.48 5.55
C GLY A 98 -0.75 13.78 5.22
N MET A 99 -0.96 14.90 4.54
CA MET A 99 -2.28 15.35 4.14
C MET A 99 -2.90 14.42 3.10
N GLY A 100 -4.22 14.28 3.14
CA GLY A 100 -4.94 13.51 2.15
C GLY A 100 -5.26 12.09 2.57
N PRO A 101 -5.97 11.35 1.71
CA PRO A 101 -6.35 9.96 2.02
C PRO A 101 -5.14 9.01 2.04
N HIS A 102 -5.23 7.99 2.88
CA HIS A 102 -4.26 6.90 2.89
C HIS A 102 -5.05 5.61 3.00
N PHE A 103 -4.54 4.53 2.42
CA PHE A 103 -5.31 3.29 2.43
C PHE A 103 -5.27 2.60 3.78
N LEU A 104 -5.85 3.28 4.77
CA LEU A 104 -6.02 2.75 6.12
C LEU A 104 -7.38 3.22 6.63
N ASP A 105 -7.82 2.69 7.77
CA ASP A 105 -9.11 3.09 8.33
C ASP A 105 -8.95 4.17 9.40
N SER A 106 -10.06 4.49 10.08
CA SER A 106 -10.06 5.57 11.07
C SER A 106 -9.20 5.26 12.28
N GLN A 107 -8.73 4.02 12.39
CA GLN A 107 -7.92 3.60 13.52
C GLN A 107 -6.45 3.49 13.16
N GLY A 108 -6.13 3.67 11.88
CA GLY A 108 -4.75 3.53 11.42
C GLY A 108 -4.42 2.15 10.89
N ASN A 109 -5.40 1.25 10.90
CA ASN A 109 -5.22 -0.10 10.37
C ASN A 109 -5.07 -0.09 8.86
N ALA A 110 -3.95 -0.61 8.36
CA ALA A 110 -3.75 -0.76 6.93
C ALA A 110 -4.83 -1.64 6.30
N TRP A 111 -5.29 -1.27 5.11
CA TRP A 111 -6.28 -2.06 4.40
C TRP A 111 -5.73 -3.46 4.10
N THR A 112 -6.57 -4.47 4.21
CA THR A 112 -6.17 -5.84 3.94
C THR A 112 -7.21 -6.58 3.13
N ALA A 113 -6.76 -7.45 2.22
CA ALA A 113 -7.66 -8.23 1.38
C ALA A 113 -8.50 -9.22 2.19
N SER A 114 -8.16 -9.39 3.46
CA SER A 114 -8.95 -10.21 4.37
C SER A 114 -10.34 -9.61 4.59
N TYR A 115 -10.52 -8.37 4.14
CA TYR A 115 -11.81 -7.69 4.18
C TYR A 115 -12.76 -8.26 3.13
N LEU A 116 -12.20 -8.98 2.16
CA LEU A 116 -12.95 -9.46 1.01
C LEU A 116 -13.58 -10.83 1.24
N ASN A 117 -14.82 -10.99 0.78
CA ASN A 117 -15.49 -12.27 0.79
C ASN A 117 -15.87 -12.65 -0.64
N GLU A 118 -15.23 -13.68 -1.17
CA GLU A 118 -15.44 -14.10 -2.56
C GLU A 118 -14.89 -15.49 -2.87
N GLY A 119 -15.35 -16.06 -3.97
CA GLY A 119 -14.78 -17.32 -4.45
C GLY A 119 -15.80 -18.44 -4.67
N GLY A 120 -15.51 -19.30 -5.65
CA GLY A 120 -16.31 -20.49 -5.88
C GLY A 120 -17.58 -20.28 -6.67
N ASP A 121 -18.69 -20.05 -5.95
CA ASP A 121 -20.01 -19.98 -6.55
C ASP A 121 -20.56 -18.56 -6.60
N VAL A 122 -21.26 -18.22 -7.68
CA VAL A 122 -21.84 -16.89 -7.85
C VAL A 122 -22.82 -16.56 -6.72
N VAL A 123 -23.50 -17.58 -6.22
CA VAL A 123 -24.47 -17.40 -5.14
C VAL A 123 -23.76 -16.93 -3.87
N ARG A 124 -22.60 -17.51 -3.59
CA ARG A 124 -21.78 -17.09 -2.45
C ARG A 124 -21.34 -15.65 -2.66
N ASP A 125 -20.87 -15.36 -3.87
CA ASP A 125 -20.40 -14.04 -4.24
C ASP A 125 -21.49 -12.98 -4.08
N LEU A 126 -22.68 -13.28 -4.61
CA LEU A 126 -23.78 -12.32 -4.58
C LEU A 126 -24.26 -12.07 -3.15
N ARG A 127 -24.24 -13.12 -2.32
CA ARG A 127 -24.66 -12.98 -0.94
C ARG A 127 -23.63 -12.17 -0.18
N ALA A 128 -22.36 -12.39 -0.50
CA ALA A 128 -21.27 -11.61 0.09
C ALA A 128 -21.42 -10.13 -0.26
N ASN A 129 -21.82 -9.86 -1.49
CA ASN A 129 -21.93 -8.47 -1.94
C ASN A 129 -23.08 -7.74 -1.25
N ILE A 130 -24.22 -8.41 -1.13
CA ILE A 130 -25.34 -7.85 -0.38
C ILE A 130 -24.91 -7.51 1.06
N ALA A 131 -24.07 -8.35 1.63
CA ALA A 131 -23.55 -8.13 2.98
C ALA A 131 -22.58 -6.95 3.03
N ALA A 132 -21.70 -6.87 2.03
CA ALA A 132 -20.74 -5.78 1.93
C ALA A 132 -21.45 -4.45 1.77
N GLU A 133 -22.50 -4.45 0.94
CA GLU A 133 -23.32 -3.26 0.72
C GLU A 133 -23.94 -2.79 2.03
N ALA A 134 -24.40 -3.74 2.85
CA ALA A 134 -25.04 -3.43 4.12
C ALA A 134 -24.06 -2.80 5.12
N GLY A 135 -22.81 -3.24 5.05
CA GLY A 135 -21.77 -2.67 5.89
C GLY A 135 -21.42 -1.26 5.47
N ALA A 136 -21.39 -1.04 4.15
CA ALA A 136 -21.06 0.28 3.60
C ALA A 136 -22.13 1.32 3.96
N ARG A 137 -23.40 0.94 3.77
CA ARG A 137 -24.52 1.81 4.08
C ARG A 137 -24.54 2.15 5.56
N GLN A 138 -24.20 1.17 6.39
CA GLN A 138 -24.19 1.34 7.84
C GLN A 138 -23.14 2.34 8.23
N THR A 139 -21.94 2.18 7.69
CA THR A 139 -20.83 3.10 7.97
C THR A 139 -21.16 4.51 7.50
N TYR A 140 -21.72 4.62 6.30
CA TYR A 140 -22.10 5.92 5.75
C TYR A 140 -23.07 6.65 6.67
N GLU A 141 -24.02 5.91 7.22
CA GLU A 141 -25.00 6.47 8.14
C GLU A 141 -24.33 7.02 9.41
N GLU A 142 -23.35 6.30 9.92
CA GLU A 142 -22.65 6.75 11.13
C GLU A 142 -21.85 8.02 10.86
N LEU A 143 -21.23 8.07 9.68
CA LEU A 143 -20.50 9.27 9.26
C LEU A 143 -21.47 10.44 9.08
N ILE A 144 -22.61 10.15 8.46
CA ILE A 144 -23.64 11.15 8.23
C ILE A 144 -24.13 11.77 9.55
N LYS A 145 -24.28 10.94 10.58
CA LYS A 145 -24.72 11.45 11.87
C LYS A 145 -23.60 12.18 12.58
N LEU A 146 -22.38 12.09 12.05
CA LEU A 146 -21.23 12.81 12.61
C LEU A 146 -20.77 13.91 11.68
N SER A 147 -21.57 14.19 10.65
CA SER A 147 -21.20 15.16 9.62
C SER A 147 -20.79 16.52 10.19
N PRO A 148 -19.70 17.08 9.66
CA PRO A 148 -19.20 18.40 10.07
C PRO A 148 -19.98 19.54 9.45
N ASP A 149 -20.60 19.29 8.29
CA ASP A 149 -21.35 20.32 7.58
C ASP A 149 -22.36 19.72 6.60
N GLU A 150 -23.03 20.58 5.84
CA GLU A 150 -24.15 20.15 5.01
C GLU A 150 -23.71 19.66 3.64
N GLY A 151 -22.68 20.28 3.08
CA GLY A 151 -22.14 19.85 1.80
C GLY A 151 -21.62 18.43 1.88
N THR A 152 -20.87 18.16 2.95
CA THR A 152 -20.36 16.82 3.21
C THR A 152 -21.51 15.84 3.41
N LYS A 153 -22.50 16.25 4.20
CA LYS A 153 -23.65 15.40 4.51
C LYS A 153 -24.40 14.96 3.26
N GLN A 154 -24.51 15.85 2.28
CA GLN A 154 -25.28 15.53 1.07
C GLN A 154 -24.48 14.62 0.14
N THR A 155 -23.15 14.67 0.24
CA THR A 155 -22.32 13.78 -0.55
C THR A 155 -22.39 12.36 0.02
N LEU A 156 -22.34 12.27 1.34
CA LEU A 156 -22.42 10.98 2.03
C LEU A 156 -23.80 10.36 1.88
N VAL A 157 -24.83 11.19 1.74
CA VAL A 157 -26.19 10.70 1.55
C VAL A 157 -26.34 10.09 0.16
N HIS A 158 -25.73 10.72 -0.84
CA HIS A 158 -25.74 10.19 -2.19
C HIS A 158 -25.03 8.85 -2.23
N LEU A 159 -23.86 8.80 -1.60
CA LEU A 159 -23.07 7.59 -1.57
C LEU A 159 -23.81 6.46 -0.86
N LEU A 160 -24.49 6.79 0.25
CA LEU A 160 -25.32 5.83 0.96
C LEU A 160 -26.45 5.33 0.05
N THR A 161 -27.06 6.26 -0.67
CA THR A 161 -28.18 5.94 -1.56
C THR A 161 -27.77 4.95 -2.64
N ARG A 162 -26.56 5.13 -3.17
CA ARG A 162 -26.05 4.26 -4.22
C ARG A 162 -25.79 2.83 -3.73
N GLU A 163 -25.57 2.67 -2.43
CA GLU A 163 -25.37 1.34 -1.87
C GLU A 163 -26.69 0.60 -1.78
N ILE A 164 -27.76 1.34 -1.46
CA ILE A 164 -29.12 0.82 -1.49
C ILE A 164 -29.43 0.33 -2.90
N SER A 165 -28.98 1.10 -3.89
CA SER A 165 -29.15 0.77 -5.30
C SER A 165 -28.46 -0.55 -5.63
N HIS A 166 -27.18 -0.65 -5.27
CA HIS A 166 -26.39 -1.84 -5.52
C HIS A 166 -27.01 -3.07 -4.86
N THR A 167 -27.52 -2.88 -3.65
CA THR A 167 -28.19 -3.95 -2.91
C THR A 167 -29.38 -4.49 -3.71
N GLN A 168 -30.08 -3.59 -4.39
CA GLN A 168 -31.22 -3.98 -5.21
C GLN A 168 -30.76 -4.71 -6.47
N MET A 169 -29.63 -4.25 -7.03
CA MET A 169 -29.03 -4.91 -8.18
C MET A 169 -28.62 -6.34 -7.83
N PHE A 170 -27.92 -6.49 -6.71
CA PHE A 170 -27.46 -7.80 -6.26
C PHE A 170 -28.62 -8.71 -5.92
N MET A 171 -29.68 -8.14 -5.37
CA MET A 171 -30.87 -8.92 -5.04
C MET A 171 -31.58 -9.41 -6.30
N LYS A 172 -31.71 -8.52 -7.28
CA LYS A 172 -32.30 -8.90 -8.56
C LYS A 172 -31.49 -10.03 -9.21
N ALA A 173 -30.17 -9.93 -9.12
CA ALA A 173 -29.28 -10.97 -9.66
C ALA A 173 -29.45 -12.29 -8.92
N LEU A 174 -29.54 -12.21 -7.60
CA LEU A 174 -29.75 -13.41 -6.78
C LEU A 174 -31.11 -14.03 -7.06
N ASP A 175 -32.08 -13.18 -7.33
CA ASP A 175 -33.45 -13.61 -7.55
C ASP A 175 -33.62 -14.22 -8.93
N SER A 176 -32.79 -13.79 -9.87
CA SER A 176 -32.82 -14.35 -11.21
C SER A 176 -32.29 -15.78 -11.19
N LEU A 177 -31.49 -16.09 -10.17
CA LEU A 177 -30.96 -17.43 -9.99
C LEU A 177 -31.85 -18.25 -9.07
N GLY A 178 -32.87 -17.61 -8.51
CA GLY A 178 -33.79 -18.26 -7.60
C GLY A 178 -33.16 -18.58 -6.26
N LYS A 179 -32.15 -17.80 -5.88
CA LYS A 179 -31.42 -18.07 -4.65
C LYS A 179 -31.51 -16.93 -3.63
N LEU A 180 -32.39 -15.97 -3.90
CA LEU A 180 -32.57 -14.84 -2.99
C LEU A 180 -33.26 -15.27 -1.70
N THR A 181 -34.27 -16.14 -1.82
CA THR A 181 -35.02 -16.59 -0.66
C THR A 181 -34.85 -18.08 -0.39
N ASP A 182 -34.19 -18.77 -1.32
CA ASP A 182 -33.86 -20.19 -1.15
C ASP A 182 -32.44 -20.34 -0.62
N PRO A 183 -32.30 -20.88 0.58
CA PRO A 183 -31.00 -21.03 1.24
C PRO A 183 -30.05 -21.97 0.51
N PHE A 184 -30.57 -23.11 0.04
CA PHE A 184 -29.72 -24.12 -0.58
C PHE A 184 -29.05 -23.62 -1.86
N PHE A 185 -27.80 -24.03 -2.05
CA PHE A 185 -27.09 -23.86 -3.31
C PHE A 185 -25.86 -24.77 -3.27
N GLY A 186 -25.19 -24.89 -4.42
CA GLY A 186 -24.03 -25.77 -4.50
C GLY A 186 -24.38 -27.13 -5.05
N ASN A 187 -23.44 -28.06 -4.96
CA ASN A 187 -23.60 -29.37 -5.59
C ASN A 187 -23.63 -30.52 -4.59
N VAL A 188 -23.74 -30.21 -3.31
CA VAL A 188 -23.76 -31.25 -2.29
C VAL A 188 -25.17 -31.46 -1.75
N GLN A 189 -25.56 -32.72 -1.65
CA GLN A 189 -26.85 -33.08 -1.10
C GLN A 189 -26.80 -33.09 0.43
N PRO A 190 -27.72 -32.35 1.07
CA PRO A 190 -27.82 -32.29 2.54
C PRO A 190 -28.22 -33.62 3.14
N ASP A 191 -27.97 -33.83 4.43
CA ASP A 191 -28.41 -35.06 5.08
C ASP A 191 -29.74 -34.87 5.80
N GLU A 192 -29.91 -35.59 6.91
CA GLU A 192 -31.19 -35.66 7.59
C GLU A 192 -31.39 -34.56 8.63
N THR A 193 -30.35 -33.77 8.88
CA THR A 193 -30.36 -32.81 9.98
C THR A 193 -30.58 -31.37 9.53
N VAL A 194 -30.97 -31.19 8.28
CA VAL A 194 -31.06 -29.84 7.69
C VAL A 194 -32.17 -28.98 8.29
N ALA A 195 -33.12 -29.61 8.97
CA ALA A 195 -34.27 -28.87 9.52
C ALA A 195 -34.26 -28.84 11.04
N LEU A 196 -33.12 -29.16 11.64
CA LEU A 196 -33.00 -29.17 13.09
C LEU A 196 -32.54 -27.84 13.64
N TYR A 197 -33.12 -27.43 14.77
CA TYR A 197 -32.69 -26.25 15.49
C TYR A 197 -32.39 -26.64 16.93
N TYR A 198 -31.19 -26.30 17.39
CA TYR A 198 -30.76 -26.64 18.73
C TYR A 198 -30.82 -25.44 19.66
N ASN A 199 -31.55 -25.59 20.75
CA ASN A 199 -31.60 -24.58 21.80
C ASN A 199 -30.37 -24.72 22.70
N LEU A 200 -29.23 -24.24 22.21
CA LEU A 200 -27.96 -24.42 22.93
C LEU A 200 -27.67 -23.25 23.86
N SER A 201 -28.48 -22.19 23.76
CA SER A 201 -28.32 -21.04 24.63
C SER A 201 -29.61 -20.77 25.39
N SER A 202 -29.50 -20.71 26.71
CA SER A 202 -30.65 -20.47 27.57
C SER A 202 -30.22 -20.13 28.99
N GLU A 209 -36.71 -18.28 23.94
CA GLU A 209 -37.20 -17.43 22.86
C GLU A 209 -37.50 -18.24 21.61
N ARG A 210 -38.56 -17.86 20.92
CA ARG A 210 -38.99 -18.58 19.72
C ARG A 210 -39.27 -17.62 18.58
N GLY A 211 -39.15 -18.12 17.35
CA GLY A 211 -39.39 -17.33 16.16
C GLY A 211 -39.43 -18.23 14.94
N PRO A 212 -39.69 -17.66 13.76
CA PRO A 212 -39.77 -18.43 12.51
C PRO A 212 -38.49 -19.21 12.23
N TRP A 213 -37.40 -18.78 12.84
CA TRP A 213 -36.11 -19.44 12.70
C TRP A 213 -36.04 -20.76 13.46
N ASN A 214 -37.00 -21.00 14.35
CA ASN A 214 -37.04 -22.28 15.07
C ASN A 214 -38.45 -22.79 15.36
N SER A 215 -39.35 -22.59 14.40
CA SER A 215 -40.71 -23.07 14.54
C SER A 215 -41.12 -23.89 13.32
N GLU A 216 -42.23 -24.60 13.45
CA GLU A 216 -42.84 -25.21 12.27
C GLU A 216 -43.35 -24.09 11.37
N PRO A 217 -43.46 -24.34 10.06
CA PRO A 217 -43.22 -25.60 9.34
C PRO A 217 -41.74 -25.91 9.10
N ALA A 218 -40.89 -24.91 9.25
CA ALA A 218 -39.52 -24.98 8.75
C ALA A 218 -38.57 -25.84 9.60
N PHE A 219 -38.76 -25.86 10.91
CA PHE A 219 -37.77 -26.48 11.78
C PHE A 219 -38.34 -27.49 12.78
N LYS A 220 -37.54 -28.49 13.11
CA LYS A 220 -37.81 -29.36 14.24
C LYS A 220 -37.01 -28.84 15.43
N TYR A 221 -37.72 -28.22 16.37
CA TYR A 221 -37.08 -27.57 17.50
C TYR A 221 -36.65 -28.59 18.56
N VAL A 222 -35.37 -28.54 18.91
CA VAL A 222 -34.82 -29.38 19.98
C VAL A 222 -34.60 -28.51 21.22
N ALA A 223 -35.62 -28.44 22.07
CA ALA A 223 -35.65 -27.53 23.21
C ALA A 223 -34.53 -27.77 24.21
N ASN A 224 -34.12 -29.03 24.36
CA ASN A 224 -33.12 -29.37 25.35
C ASN A 224 -32.16 -30.47 24.87
N PRO A 225 -31.03 -30.07 24.28
CA PRO A 225 -29.96 -30.99 23.89
C PRO A 225 -29.31 -31.70 25.08
N MET B 1 -13.84 10.18 -12.44
CA MET B 1 -14.63 9.00 -12.80
C MET B 1 -13.79 7.91 -13.45
N PHE B 2 -14.21 6.67 -13.23
CA PHE B 2 -13.58 5.53 -13.87
C PHE B 2 -14.45 4.99 -15.00
N PHE B 3 -13.79 4.48 -16.04
CA PHE B 3 -14.48 3.83 -17.13
C PHE B 3 -13.77 2.55 -17.50
N HIS B 4 -14.53 1.51 -17.80
CA HIS B 4 -13.93 0.24 -18.15
C HIS B 4 -14.45 -0.26 -19.49
N LYS B 5 -13.53 -0.70 -20.35
CA LYS B 5 -13.89 -1.40 -21.57
C LYS B 5 -13.39 -2.84 -21.46
N LYS B 6 -14.21 -3.77 -21.90
CA LYS B 6 -14.02 -5.18 -21.57
C LYS B 6 -12.77 -5.82 -22.17
N GLU B 7 -12.32 -5.33 -23.32
CA GLU B 7 -11.13 -5.90 -23.94
C GLU B 7 -9.87 -5.52 -23.16
N PRO B 8 -9.04 -6.52 -22.84
CA PRO B 8 -7.74 -6.23 -22.20
C PRO B 8 -6.77 -5.60 -23.20
N ILE B 9 -5.63 -5.12 -22.71
CA ILE B 9 -4.60 -4.55 -23.56
C ILE B 9 -4.09 -5.59 -24.56
N HIS B 10 -3.64 -6.73 -24.06
CA HIS B 10 -3.23 -7.87 -24.88
C HIS B 10 -4.15 -9.06 -24.59
N VAL B 11 -4.64 -9.74 -25.62
CA VAL B 11 -5.48 -10.90 -25.38
C VAL B 11 -4.65 -12.03 -24.77
N VAL B 12 -5.26 -12.84 -23.91
CA VAL B 12 -4.54 -13.93 -23.26
C VAL B 12 -4.23 -15.03 -24.26
N ASN B 13 -2.95 -15.42 -24.31
CA ASN B 13 -2.50 -16.50 -25.17
C ASN B 13 -1.57 -17.42 -24.39
N ILE B 14 -2.13 -18.50 -23.86
CA ILE B 14 -1.34 -19.44 -23.08
C ILE B 14 -1.36 -20.82 -23.72
N GLY B 15 -0.40 -21.65 -23.34
CA GLY B 15 -0.41 -23.05 -23.74
C GLY B 15 -1.41 -23.80 -22.90
N GLU B 16 -1.04 -24.98 -22.43
CA GLU B 16 -1.91 -25.73 -21.53
C GLU B 16 -1.96 -25.03 -20.18
N ALA B 17 -3.07 -25.21 -19.47
CA ALA B 17 -3.26 -24.54 -18.19
C ALA B 17 -2.25 -25.04 -17.16
N ASN B 18 -1.57 -24.09 -16.52
CA ASN B 18 -0.59 -24.41 -15.49
C ASN B 18 -0.98 -23.70 -14.19
N PRO B 19 -1.77 -24.38 -13.36
CA PRO B 19 -2.26 -23.80 -12.09
C PRO B 19 -1.16 -23.57 -11.06
N ARG B 20 -0.07 -24.32 -11.13
CA ARG B 20 1.03 -24.09 -10.20
C ARG B 20 1.72 -22.78 -10.52
N PHE B 21 1.94 -22.53 -11.81
CA PHE B 21 2.51 -21.25 -12.21
C PHE B 21 1.53 -20.12 -11.93
N ALA B 22 0.24 -20.43 -12.01
CA ALA B 22 -0.80 -19.45 -11.74
C ALA B 22 -0.67 -18.92 -10.31
N GLN B 23 -0.24 -19.79 -9.41
CA GLN B 23 -0.06 -19.40 -8.01
C GLN B 23 1.13 -18.46 -7.86
N LEU B 24 2.23 -18.76 -8.55
CA LEU B 24 3.38 -17.86 -8.57
C LEU B 24 2.99 -16.51 -9.15
N LEU B 25 2.07 -16.54 -10.10
CA LEU B 25 1.66 -15.35 -10.82
C LEU B 25 0.86 -14.42 -9.91
N LEU B 26 0.35 -14.96 -8.81
CA LEU B 26 -0.39 -14.16 -7.83
C LEU B 26 0.50 -13.09 -7.18
N GLU B 27 1.82 -13.22 -7.35
CA GLU B 27 2.74 -12.22 -6.83
C GLU B 27 2.53 -10.89 -7.53
N GLN B 28 2.00 -10.92 -8.74
CA GLN B 28 1.76 -9.70 -9.49
C GLN B 28 0.31 -9.26 -9.46
N PHE B 29 -0.55 -10.10 -8.87
CA PHE B 29 -1.93 -9.72 -8.67
C PHE B 29 -2.11 -9.15 -7.26
N GLY B 30 -1.87 -9.98 -6.24
CA GLY B 30 -2.06 -9.57 -4.86
C GLY B 30 -0.77 -9.57 -4.04
N GLY B 31 0.37 -9.53 -4.72
CA GLY B 31 1.65 -9.51 -4.04
C GLY B 31 2.17 -8.12 -3.76
N ALA B 32 3.27 -8.04 -3.03
CA ALA B 32 3.85 -6.76 -2.62
C ALA B 32 4.30 -5.90 -3.79
N THR B 33 5.01 -6.52 -4.73
CA THR B 33 5.52 -5.82 -5.91
C THR B 33 4.52 -5.91 -7.06
N GLY B 34 3.28 -6.25 -6.73
CA GLY B 34 2.27 -6.51 -7.73
C GLY B 34 1.56 -5.27 -8.26
N GLU B 35 0.69 -5.49 -9.25
CA GLU B 35 0.04 -4.39 -9.96
C GLU B 35 -0.93 -3.57 -9.09
N LEU B 36 -1.57 -4.22 -8.13
CA LEU B 36 -2.47 -3.49 -7.24
C LEU B 36 -1.67 -2.50 -6.40
N SER B 37 -0.49 -2.93 -5.96
CA SER B 37 0.40 -2.07 -5.19
C SER B 37 0.77 -0.82 -5.99
N ALA B 38 1.19 -1.03 -7.23
CA ALA B 38 1.56 0.08 -8.10
C ALA B 38 0.36 0.99 -8.32
N ALA B 39 -0.76 0.40 -8.72
CA ALA B 39 -1.97 1.17 -9.01
C ALA B 39 -2.42 2.02 -7.83
N LEU B 40 -2.38 1.44 -6.63
CA LEU B 40 -2.86 2.14 -5.44
C LEU B 40 -1.85 3.13 -4.91
N GLN B 41 -0.57 2.80 -5.01
CA GLN B 41 0.47 3.68 -4.49
C GLN B 41 0.49 5.00 -5.25
N TYR B 42 0.48 4.90 -6.57
CA TYR B 42 0.57 6.09 -7.41
C TYR B 42 -0.72 6.89 -7.32
N TRP B 43 -1.86 6.18 -7.27
CA TRP B 43 -3.16 6.85 -7.21
C TRP B 43 -3.37 7.59 -5.89
N VAL B 44 -3.00 6.96 -4.78
CA VAL B 44 -3.17 7.59 -3.46
C VAL B 44 -2.24 8.80 -3.31
N GLN B 45 -1.14 8.80 -4.06
CA GLN B 45 -0.21 9.93 -4.05
C GLN B 45 -0.79 11.13 -4.78
N SER B 46 -1.59 10.86 -5.81
CA SER B 46 -2.15 11.93 -6.64
C SER B 46 -3.09 12.84 -5.84
N PHE B 47 -3.51 12.37 -4.67
CA PHE B 47 -4.42 13.15 -3.83
C PHE B 47 -3.69 14.20 -3.00
N HIS B 48 -2.37 14.11 -2.93
CA HIS B 48 -1.61 15.08 -2.16
C HIS B 48 -0.41 15.64 -2.92
N VAL B 49 -0.34 15.35 -4.22
CA VAL B 49 0.68 15.95 -5.06
C VAL B 49 0.15 17.25 -5.66
N GLU B 50 0.86 18.33 -5.39
CA GLU B 50 0.43 19.67 -5.74
C GLU B 50 0.68 19.99 -7.21
N ASN B 51 1.87 19.64 -7.69
CA ASN B 51 2.22 19.84 -9.09
C ASN B 51 1.22 19.17 -10.01
N ALA B 52 0.49 19.98 -10.77
CA ALA B 52 -0.58 19.47 -11.63
C ALA B 52 -0.04 18.52 -12.68
N GLY B 53 1.19 18.73 -13.11
CA GLY B 53 1.83 17.88 -14.10
C GLY B 53 2.12 16.49 -13.54
N ILE B 54 2.80 16.45 -12.40
CA ILE B 54 3.19 15.20 -11.77
C ILE B 54 1.96 14.42 -11.29
N LYS B 55 0.96 15.13 -10.77
CA LYS B 55 -0.28 14.51 -10.31
C LYS B 55 -0.97 13.75 -11.45
N ASP B 56 -1.03 14.37 -12.61
CA ASP B 56 -1.63 13.76 -13.79
C ASP B 56 -0.84 12.54 -14.25
N MET B 57 0.48 12.63 -14.16
CA MET B 57 1.35 11.52 -14.51
C MET B 57 1.09 10.31 -13.62
N LEU B 58 0.90 10.57 -12.33
CA LEU B 58 0.66 9.49 -11.38
C LEU B 58 -0.65 8.79 -11.70
N GLN B 59 -1.65 9.55 -12.13
CA GLN B 59 -2.94 8.98 -12.48
C GLN B 59 -2.89 8.20 -13.79
N ASP B 60 -2.17 8.74 -14.79
CA ASP B 60 -2.00 8.05 -16.06
C ASP B 60 -1.39 6.67 -15.87
N ILE B 61 -0.33 6.60 -15.08
CA ILE B 61 0.37 5.35 -14.79
C ILE B 61 -0.48 4.41 -13.94
N ALA B 62 -1.13 4.97 -12.91
CA ALA B 62 -1.98 4.18 -12.02
C ALA B 62 -3.08 3.47 -12.81
N ILE B 63 -3.69 4.18 -13.76
CA ILE B 63 -4.74 3.60 -14.58
C ILE B 63 -4.19 2.48 -15.46
N GLU B 64 -2.94 2.61 -15.91
CA GLU B 64 -2.31 1.56 -16.69
C GLU B 64 -2.07 0.33 -15.83
N GLU B 65 -1.67 0.55 -14.57
CA GLU B 65 -1.40 -0.55 -13.67
C GLU B 65 -2.66 -1.34 -13.36
N PHE B 66 -3.79 -0.64 -13.30
CA PHE B 66 -5.08 -1.30 -13.15
C PHE B 66 -5.33 -2.20 -14.35
N SER B 67 -4.91 -1.76 -15.53
CA SER B 67 -5.05 -2.56 -16.73
C SER B 67 -4.03 -3.69 -16.77
N HIS B 68 -2.85 -3.46 -16.17
CA HIS B 68 -1.87 -4.55 -16.00
C HIS B 68 -2.42 -5.59 -15.03
N LEU B 69 -3.04 -5.11 -13.97
CA LEU B 69 -3.68 -5.96 -12.98
C LEU B 69 -4.73 -6.85 -13.64
N GLU B 70 -5.46 -6.28 -14.58
CA GLU B 70 -6.47 -7.00 -15.35
C GLU B 70 -5.85 -8.14 -16.16
N MET B 71 -4.73 -7.86 -16.82
CA MET B 71 -4.05 -8.85 -17.65
C MET B 71 -3.52 -10.00 -16.81
N VAL B 72 -2.90 -9.66 -15.68
CA VAL B 72 -2.40 -10.67 -14.74
C VAL B 72 -3.56 -11.54 -14.27
N GLY B 73 -4.68 -10.90 -13.96
CA GLY B 73 -5.88 -11.61 -13.54
C GLY B 73 -6.41 -12.53 -14.61
N LYS B 74 -6.33 -12.10 -15.86
CA LYS B 74 -6.79 -12.93 -16.98
C LYS B 74 -5.86 -14.11 -17.19
N LEU B 75 -4.56 -13.88 -17.02
CA LEU B 75 -3.58 -14.97 -17.12
C LEU B 75 -3.87 -16.04 -16.07
N ILE B 76 -4.16 -15.60 -14.85
CA ILE B 76 -4.42 -16.52 -13.74
C ILE B 76 -5.73 -17.27 -13.95
N GLU B 77 -6.75 -16.57 -14.44
CA GLU B 77 -8.01 -17.21 -14.77
C GLU B 77 -7.82 -18.30 -15.83
N ALA B 78 -6.99 -18.00 -16.83
CA ALA B 78 -6.77 -18.93 -17.93
C ALA B 78 -6.02 -20.17 -17.48
N HIS B 79 -5.02 -20.01 -16.61
CA HIS B 79 -4.21 -21.13 -16.16
C HIS B 79 -4.87 -21.94 -15.05
N THR B 80 -6.11 -21.58 -14.69
CA THR B 80 -6.84 -22.35 -13.68
C THR B 80 -8.23 -22.75 -14.18
N LYS B 81 -8.40 -22.76 -15.50
CA LYS B 81 -9.71 -23.03 -16.09
C LYS B 81 -9.85 -24.49 -16.52
N ASN B 82 -10.94 -25.11 -16.06
CA ASN B 82 -11.28 -26.49 -16.41
C ASN B 82 -10.17 -27.50 -16.12
N VAL B 83 -9.51 -27.34 -14.98
CA VAL B 83 -8.45 -28.27 -14.60
C VAL B 83 -8.52 -28.64 -13.13
N ASP B 84 -9.68 -28.40 -12.51
CA ASP B 84 -9.80 -28.58 -11.06
C ASP B 84 -9.73 -30.04 -10.61
N GLN B 85 -9.42 -30.95 -11.53
CA GLN B 85 -9.28 -32.36 -11.17
C GLN B 85 -7.86 -32.88 -11.38
N THR B 86 -7.04 -32.11 -12.09
CA THR B 86 -5.61 -32.43 -12.19
C THR B 86 -4.97 -32.36 -10.81
N GLU B 87 -3.91 -33.11 -10.59
CA GLU B 87 -3.27 -33.14 -9.29
C GLU B 87 -2.42 -31.90 -9.08
N ALA B 88 -2.04 -31.25 -10.18
CA ALA B 88 -1.33 -29.98 -10.12
C ALA B 88 -2.22 -28.92 -9.48
N TYR B 89 -3.46 -28.84 -9.96
CA TYR B 89 -4.44 -27.90 -9.44
C TYR B 89 -4.71 -28.14 -7.96
N LYS B 90 -4.81 -29.41 -7.57
CA LYS B 90 -5.17 -29.78 -6.21
C LYS B 90 -4.06 -29.47 -5.21
N SER B 91 -2.88 -29.14 -5.72
CA SER B 91 -1.74 -28.81 -4.86
C SER B 91 -1.60 -27.30 -4.71
N THR B 92 -2.51 -26.55 -5.31
CA THR B 92 -2.50 -25.10 -5.22
C THR B 92 -3.58 -24.60 -4.28
N LEU B 93 -3.53 -23.31 -3.95
CA LEU B 93 -4.53 -22.72 -3.07
C LEU B 93 -5.87 -22.57 -3.80
N PHE B 94 -5.83 -22.69 -5.13
CA PHE B 94 -7.05 -22.56 -5.94
C PHE B 94 -8.03 -23.69 -5.67
N ALA B 95 -7.54 -24.80 -5.14
CA ALA B 95 -8.39 -25.94 -4.81
C ALA B 95 -9.38 -25.63 -3.68
N VAL B 96 -8.98 -24.76 -2.76
CA VAL B 96 -9.86 -24.36 -1.65
C VAL B 96 -10.43 -22.96 -1.86
N ARG B 97 -9.68 -22.10 -2.53
CA ARG B 97 -10.11 -20.71 -2.72
C ARG B 97 -10.99 -20.55 -3.95
N GLY B 98 -10.83 -21.44 -4.92
CA GLY B 98 -11.58 -21.36 -6.17
C GLY B 98 -10.72 -20.83 -7.29
N MET B 99 -11.04 -21.22 -8.52
CA MET B 99 -10.26 -20.82 -9.67
C MET B 99 -10.29 -19.30 -9.85
N GLY B 100 -9.35 -18.78 -10.65
CA GLY B 100 -9.29 -17.37 -10.90
C GLY B 100 -8.40 -16.66 -9.92
N PRO B 101 -8.10 -15.38 -10.17
CA PRO B 101 -7.21 -14.63 -9.29
C PRO B 101 -7.87 -14.28 -7.96
N HIS B 102 -7.03 -14.09 -6.95
CA HIS B 102 -7.47 -13.63 -5.64
C HIS B 102 -6.42 -12.65 -5.15
N PHE B 103 -6.81 -11.75 -4.25
CA PHE B 103 -5.88 -10.72 -3.80
C PHE B 103 -5.01 -11.25 -2.67
N LEU B 104 -4.24 -12.28 -3.01
CA LEU B 104 -3.22 -12.86 -2.16
C LEU B 104 -1.94 -12.92 -2.97
N ASP B 105 -0.81 -13.21 -2.34
CA ASP B 105 0.41 -13.45 -3.09
C ASP B 105 0.61 -14.96 -3.32
N SER B 106 1.80 -15.35 -3.74
CA SER B 106 2.08 -16.75 -4.07
C SER B 106 2.15 -17.63 -2.82
N GLN B 107 2.17 -17.00 -1.65
CA GLN B 107 2.23 -17.72 -0.38
C GLN B 107 0.89 -17.67 0.34
N GLY B 108 -0.12 -17.12 -0.33
CA GLY B 108 -1.44 -17.01 0.25
C GLY B 108 -1.64 -15.83 1.19
N ASN B 109 -0.62 -14.98 1.31
CA ASN B 109 -0.72 -13.78 2.14
C ASN B 109 -1.65 -12.75 1.52
N ALA B 110 -2.68 -12.33 2.26
CA ALA B 110 -3.59 -11.30 1.78
C ALA B 110 -2.84 -10.00 1.51
N TRP B 111 -3.20 -9.34 0.42
CA TRP B 111 -2.59 -8.04 0.10
C TRP B 111 -2.80 -7.08 1.26
N THR B 112 -1.75 -6.31 1.59
CA THR B 112 -1.86 -5.33 2.67
C THR B 112 -1.31 -3.98 2.24
N ALA B 113 -2.01 -2.91 2.61
CA ALA B 113 -1.60 -1.56 2.25
C ALA B 113 -0.25 -1.22 2.88
N SER B 114 0.21 -2.04 3.80
CA SER B 114 1.55 -1.91 4.37
C SER B 114 2.61 -2.04 3.27
N TYR B 115 2.21 -2.60 2.13
CA TYR B 115 3.06 -2.68 0.94
C TYR B 115 3.36 -1.30 0.37
N LEU B 116 2.41 -0.39 0.54
CA LEU B 116 2.53 0.95 -0.05
C LEU B 116 3.54 1.83 0.68
N ASN B 117 4.26 2.63 -0.10
CA ASN B 117 5.20 3.62 0.44
C ASN B 117 4.87 5.00 -0.13
N GLU B 118 4.28 5.87 0.68
CA GLU B 118 3.82 7.18 0.21
C GLU B 118 3.61 8.16 1.36
N GLY B 119 3.60 9.45 1.03
CA GLY B 119 3.26 10.48 2.00
C GLY B 119 4.15 11.71 2.00
N GLY B 120 3.54 12.87 2.21
CA GLY B 120 4.27 14.11 2.37
C GLY B 120 4.86 14.70 1.11
N ASP B 121 6.19 14.65 1.01
CA ASP B 121 6.90 15.30 -0.08
C ASP B 121 6.88 14.49 -1.37
N VAL B 122 6.70 15.18 -2.49
CA VAL B 122 6.63 14.56 -3.80
C VAL B 122 7.94 13.87 -4.17
N VAL B 123 9.05 14.36 -3.62
CA VAL B 123 10.36 13.74 -3.81
C VAL B 123 10.36 12.32 -3.25
N ARG B 124 9.74 12.14 -2.08
CA ARG B 124 9.63 10.80 -1.50
C ARG B 124 8.76 9.88 -2.35
N ASP B 125 7.61 10.38 -2.75
CA ASP B 125 6.69 9.61 -3.56
C ASP B 125 7.35 9.03 -4.80
N LEU B 126 7.99 9.90 -5.57
CA LEU B 126 8.67 9.52 -6.81
C LEU B 126 9.81 8.54 -6.53
N ARG B 127 10.51 8.75 -5.42
CA ARG B 127 11.57 7.83 -5.05
C ARG B 127 11.00 6.49 -4.60
N ALA B 128 9.84 6.54 -3.94
CA ALA B 128 9.15 5.32 -3.53
C ALA B 128 8.60 4.60 -4.76
N ASN B 129 8.15 5.39 -5.73
CA ASN B 129 7.63 4.85 -6.98
C ASN B 129 8.71 4.18 -7.82
N ILE B 130 9.93 4.71 -7.77
CA ILE B 130 11.06 4.12 -8.48
C ILE B 130 11.45 2.79 -7.86
N ALA B 131 11.50 2.74 -6.52
CA ALA B 131 11.79 1.52 -5.80
C ALA B 131 10.74 0.45 -6.09
N ALA B 132 9.47 0.86 -6.02
CA ALA B 132 8.37 -0.05 -6.30
C ALA B 132 8.47 -0.61 -7.71
N GLU B 133 8.94 0.22 -8.61
CA GLU B 133 9.09 -0.16 -10.01
C GLU B 133 10.18 -1.22 -10.15
N ALA B 134 11.23 -1.10 -9.35
CA ALA B 134 12.32 -2.06 -9.37
C ALA B 134 11.86 -3.45 -8.95
N GLY B 135 11.17 -3.52 -7.81
CA GLY B 135 10.68 -4.78 -7.29
C GLY B 135 9.68 -5.46 -8.21
N ALA B 136 8.92 -4.65 -8.95
CA ALA B 136 7.98 -5.16 -9.94
C ALA B 136 8.73 -5.80 -11.11
N ARG B 137 9.75 -5.11 -11.60
CA ARG B 137 10.58 -5.63 -12.67
C ARG B 137 11.27 -6.92 -12.25
N GLN B 138 11.80 -6.92 -11.03
CA GLN B 138 12.51 -8.08 -10.49
C GLN B 138 11.62 -9.32 -10.43
N THR B 139 10.45 -9.16 -9.82
CA THR B 139 9.50 -10.26 -9.69
C THR B 139 9.05 -10.75 -11.07
N TYR B 140 8.90 -9.83 -12.01
CA TYR B 140 8.52 -10.20 -13.36
C TYR B 140 9.60 -11.03 -14.05
N GLU B 141 10.87 -10.70 -13.79
CA GLU B 141 11.97 -11.45 -14.39
C GLU B 141 11.98 -12.89 -13.91
N GLU B 142 11.77 -13.07 -12.60
CA GLU B 142 11.75 -14.40 -12.02
C GLU B 142 10.60 -15.23 -12.58
N LEU B 143 9.45 -14.58 -12.76
CA LEU B 143 8.29 -15.24 -13.35
C LEU B 143 8.53 -15.59 -14.82
N ILE B 144 9.27 -14.74 -15.51
CA ILE B 144 9.60 -14.98 -16.91
C ILE B 144 10.45 -16.24 -17.06
N LYS B 145 11.44 -16.39 -16.19
CA LYS B 145 12.31 -17.56 -16.22
C LYS B 145 11.57 -18.85 -15.80
N LEU B 146 10.45 -18.68 -15.12
CA LEU B 146 9.68 -19.83 -14.64
C LEU B 146 8.41 -20.06 -15.47
N SER B 147 8.26 -19.30 -16.56
CA SER B 147 7.03 -19.35 -17.35
C SER B 147 6.82 -20.71 -18.03
N PRO B 148 5.56 -21.17 -18.08
CA PRO B 148 5.22 -22.51 -18.59
C PRO B 148 5.12 -22.59 -20.11
N ASP B 149 4.83 -21.48 -20.77
CA ASP B 149 4.69 -21.45 -22.22
C ASP B 149 5.07 -20.10 -22.79
N GLU B 150 5.42 -20.09 -24.08
CA GLU B 150 5.94 -18.90 -24.75
C GLU B 150 4.95 -17.74 -24.76
N GLY B 151 3.67 -18.05 -24.92
CA GLY B 151 2.63 -17.04 -24.93
C GLY B 151 2.52 -16.32 -23.59
N THR B 152 2.71 -17.07 -22.51
CA THR B 152 2.69 -16.49 -21.17
C THR B 152 3.92 -15.62 -20.97
N LYS B 153 5.05 -16.08 -21.51
CA LYS B 153 6.31 -15.36 -21.36
C LYS B 153 6.25 -13.98 -22.02
N GLN B 154 5.73 -13.93 -23.24
CA GLN B 154 5.67 -12.68 -23.98
C GLN B 154 4.77 -11.66 -23.28
N THR B 155 3.67 -12.12 -22.71
CA THR B 155 2.76 -11.25 -21.97
C THR B 155 3.46 -10.69 -20.75
N LEU B 156 4.28 -11.51 -20.10
CA LEU B 156 5.04 -11.09 -18.93
C LEU B 156 6.20 -10.17 -19.32
N VAL B 157 6.77 -10.40 -20.50
CA VAL B 157 7.85 -9.56 -20.98
C VAL B 157 7.34 -8.14 -21.22
N HIS B 158 6.19 -8.03 -21.87
CA HIS B 158 5.57 -6.73 -22.12
C HIS B 158 5.25 -6.01 -20.81
N LEU B 159 4.77 -6.75 -19.82
CA LEU B 159 4.47 -6.16 -18.52
C LEU B 159 5.75 -5.64 -17.88
N LEU B 160 6.81 -6.44 -17.92
CA LEU B 160 8.10 -6.03 -17.39
C LEU B 160 8.62 -4.79 -18.09
N THR B 161 8.41 -4.74 -19.41
CA THR B 161 8.85 -3.63 -20.24
C THR B 161 8.24 -2.30 -19.79
N ARG B 162 6.96 -2.33 -19.45
CA ARG B 162 6.25 -1.13 -19.01
C ARG B 162 6.77 -0.62 -17.67
N GLU B 163 7.32 -1.50 -16.86
CA GLU B 163 7.87 -1.07 -15.57
C GLU B 163 9.17 -0.33 -15.82
N ILE B 164 9.92 -0.77 -16.83
CA ILE B 164 11.08 -0.03 -17.29
C ILE B 164 10.66 1.36 -17.79
N SER B 165 9.56 1.39 -18.54
CA SER B 165 9.01 2.65 -19.04
C SER B 165 8.63 3.56 -17.89
N HIS B 166 7.92 3.00 -16.91
CA HIS B 166 7.46 3.75 -15.75
C HIS B 166 8.62 4.28 -14.91
N THR B 167 9.71 3.51 -14.82
CA THR B 167 10.87 3.93 -14.07
C THR B 167 11.42 5.21 -14.66
N GLN B 168 11.51 5.26 -15.98
CA GLN B 168 12.01 6.44 -16.69
C GLN B 168 11.09 7.66 -16.47
N MET B 169 9.78 7.44 -16.50
CA MET B 169 8.82 8.51 -16.28
C MET B 169 9.01 9.12 -14.89
N PHE B 170 9.22 8.25 -13.90
CA PHE B 170 9.43 8.67 -12.52
C PHE B 170 10.78 9.38 -12.35
N MET B 171 11.78 8.93 -13.11
CA MET B 171 13.10 9.56 -13.06
C MET B 171 13.09 10.94 -13.70
N LYS B 172 12.45 11.06 -14.85
CA LYS B 172 12.34 12.33 -15.55
C LYS B 172 11.57 13.35 -14.73
N ALA B 173 10.60 12.87 -13.96
CA ALA B 173 9.80 13.74 -13.09
C ALA B 173 10.62 14.18 -11.89
N LEU B 174 11.39 13.24 -11.34
CA LEU B 174 12.25 13.53 -10.20
C LEU B 174 13.44 14.39 -10.63
N ASP B 175 13.86 14.22 -11.89
CA ASP B 175 14.96 14.99 -12.43
C ASP B 175 14.54 16.43 -12.75
N SER B 176 13.28 16.59 -13.17
CA SER B 176 12.76 17.91 -13.51
C SER B 176 12.65 18.81 -12.28
N LEU B 177 12.73 18.21 -11.10
CA LEU B 177 12.75 18.95 -9.85
C LEU B 177 14.19 19.13 -9.38
N GLY B 178 15.13 18.52 -10.11
CA GLY B 178 16.53 18.56 -9.76
C GLY B 178 16.83 17.74 -8.51
N LYS B 179 16.09 16.65 -8.33
CA LYS B 179 16.22 15.85 -7.11
C LYS B 179 16.45 14.36 -7.42
N LEU B 180 16.76 14.05 -8.66
CA LEU B 180 17.05 12.67 -9.04
C LEU B 180 18.37 12.21 -8.43
N THR B 181 19.37 13.07 -8.45
CA THR B 181 20.69 12.74 -7.93
C THR B 181 21.05 13.57 -6.70
N ASP B 182 20.21 14.54 -6.37
CA ASP B 182 20.39 15.36 -5.18
C ASP B 182 19.76 14.69 -3.97
N PRO B 183 20.58 14.22 -3.03
CA PRO B 183 20.11 13.49 -1.85
C PRO B 183 19.24 14.35 -0.92
N PHE B 184 19.47 15.65 -0.90
CA PHE B 184 18.71 16.54 -0.02
C PHE B 184 17.33 16.90 -0.56
N PHE B 185 16.35 16.85 0.33
CA PHE B 185 15.03 17.41 0.06
C PHE B 185 14.39 17.69 1.42
N GLY B 186 13.34 18.52 1.42
CA GLY B 186 12.67 18.87 2.66
C GLY B 186 13.01 20.26 3.16
N ASN B 187 12.63 20.54 4.41
CA ASN B 187 12.80 21.87 4.98
C ASN B 187 13.80 21.91 6.13
N VAL B 188 14.18 20.74 6.64
CA VAL B 188 15.08 20.67 7.78
C VAL B 188 16.53 20.73 7.31
N GLN B 189 17.26 21.76 7.74
CA GLN B 189 18.65 21.93 7.37
C GLN B 189 19.53 20.91 8.10
N PRO B 190 20.46 20.28 7.36
CA PRO B 190 21.40 19.31 7.91
C PRO B 190 22.40 19.96 8.86
N ASP B 191 23.02 19.18 9.74
CA ASP B 191 23.91 19.74 10.74
C ASP B 191 25.40 19.51 10.42
N GLU B 192 26.15 19.04 11.40
CA GLU B 192 27.60 18.93 11.28
C GLU B 192 28.05 17.54 10.81
N THR B 193 27.27 16.53 11.14
CA THR B 193 27.67 15.14 10.89
C THR B 193 27.12 14.59 9.58
N VAL B 194 26.93 15.47 8.60
CA VAL B 194 26.30 15.09 7.35
C VAL B 194 27.18 14.19 6.50
N ALA B 195 28.41 14.61 6.27
CA ALA B 195 29.29 13.89 5.37
C ALA B 195 30.28 13.01 6.12
N LEU B 196 29.76 12.21 7.05
CA LEU B 196 30.61 11.33 7.85
C LEU B 196 30.17 9.88 7.73
N TYR B 197 31.12 8.98 7.50
CA TYR B 197 30.86 7.55 7.42
C TYR B 197 31.47 6.85 8.63
N TYR B 198 30.72 5.90 9.20
CA TYR B 198 31.20 5.17 10.36
C TYR B 198 31.43 3.69 10.03
N ASN B 199 32.65 3.22 10.23
CA ASN B 199 32.98 1.82 10.00
C ASN B 199 32.54 0.95 11.16
N LEU B 200 31.23 0.75 11.28
CA LEU B 200 30.68 0.05 12.42
C LEU B 200 30.66 -1.46 12.19
N SER B 201 31.14 -1.89 11.03
CA SER B 201 31.25 -3.31 10.72
C SER B 201 32.56 -3.61 9.98
N ASP B 208 39.22 -3.73 5.15
CA ASP B 208 38.10 -2.79 5.15
C ASP B 208 37.74 -2.33 3.75
N GLU B 209 36.60 -2.82 3.25
CA GLU B 209 36.12 -2.46 1.92
C GLU B 209 35.81 -0.97 1.83
N ARG B 210 36.21 -0.37 0.72
CA ARG B 210 36.04 1.06 0.51
C ARG B 210 35.37 1.35 -0.82
N GLY B 211 34.87 2.58 -0.98
CA GLY B 211 34.20 2.99 -2.20
C GLY B 211 33.85 4.47 -2.14
N PRO B 212 33.25 5.01 -3.21
CA PRO B 212 32.85 6.42 -3.30
C PRO B 212 31.82 6.81 -2.23
N TRP B 213 31.12 5.81 -1.70
CA TRP B 213 30.17 5.98 -0.62
C TRP B 213 30.87 6.08 0.72
N ASN B 214 32.14 5.74 0.72
CA ASN B 214 32.89 5.52 1.95
C ASN B 214 34.04 6.49 2.14
N SER B 215 34.46 7.12 1.04
CA SER B 215 35.69 7.89 1.06
C SER B 215 35.56 9.25 0.40
N GLU B 216 36.70 9.82 0.02
CA GLU B 216 36.75 11.13 -0.64
C GLU B 216 36.02 11.09 -1.98
N PRO B 217 35.52 12.24 -2.44
CA PRO B 217 35.56 13.54 -1.77
C PRO B 217 34.29 13.83 -0.96
N ALA B 218 33.44 12.82 -0.79
CA ALA B 218 32.11 13.06 -0.24
C ALA B 218 31.96 12.57 1.21
N PHE B 219 32.93 11.82 1.71
CA PHE B 219 32.83 11.28 3.07
C PHE B 219 34.18 11.28 3.79
N LYS B 220 34.15 11.61 5.09
CA LYS B 220 35.33 11.48 5.93
C LYS B 220 35.26 10.15 6.70
N TYR B 221 36.16 9.24 6.36
CA TYR B 221 36.14 7.89 6.91
C TYR B 221 36.50 7.84 8.39
N VAL B 222 35.63 7.22 9.18
CA VAL B 222 35.89 6.97 10.59
C VAL B 222 36.07 5.47 10.81
N ALA B 223 37.33 5.05 10.92
CA ALA B 223 37.67 3.63 10.95
C ALA B 223 37.31 2.94 12.27
N ASN B 224 37.42 3.67 13.37
CA ASN B 224 37.16 3.08 14.69
C ASN B 224 36.42 4.02 15.63
N PRO B 225 35.09 3.85 15.74
CA PRO B 225 34.25 4.60 16.67
C PRO B 225 33.98 3.84 17.96
N MET C 1 29.14 -10.75 13.95
CA MET C 1 29.00 -10.84 15.40
C MET C 1 28.64 -9.47 15.98
N PHE C 2 27.63 -9.45 16.84
CA PHE C 2 27.14 -8.20 17.41
C PHE C 2 27.78 -7.90 18.76
N PHE C 3 28.24 -6.67 18.93
CA PHE C 3 28.73 -6.18 20.21
C PHE C 3 27.89 -5.00 20.64
N HIS C 4 27.93 -4.66 21.92
CA HIS C 4 27.14 -3.54 22.43
C HIS C 4 27.81 -2.76 23.55
N LYS C 5 27.93 -1.45 23.34
CA LYS C 5 28.35 -0.53 24.40
C LYS C 5 27.13 0.27 24.86
N LYS C 6 26.87 0.26 26.15
CA LYS C 6 25.57 0.67 26.71
C LYS C 6 25.09 2.08 26.35
N GLU C 7 25.96 3.08 26.46
CA GLU C 7 25.53 4.45 26.19
C GLU C 7 25.40 4.72 24.69
N PRO C 8 24.39 5.53 24.32
CA PRO C 8 24.09 5.86 22.92
C PRO C 8 25.14 6.80 22.30
N ILE C 9 25.05 6.99 20.98
CA ILE C 9 26.00 7.85 20.26
C ILE C 9 25.87 9.29 20.74
N HIS C 10 24.70 9.88 20.52
CA HIS C 10 24.36 11.14 21.18
C HIS C 10 23.84 10.79 22.57
N VAL C 11 23.41 11.79 23.33
CA VAL C 11 23.00 11.55 24.71
C VAL C 11 21.61 12.11 25.01
N VAL C 12 20.82 11.33 25.75
CA VAL C 12 19.48 11.73 26.18
C VAL C 12 19.43 13.14 26.77
N ASN C 13 18.63 14.00 26.15
CA ASN C 13 18.39 15.33 26.67
C ASN C 13 17.05 15.89 26.22
N ILE C 14 16.09 15.91 27.13
CA ILE C 14 14.75 16.45 26.86
C ILE C 14 14.38 17.47 27.91
N GLY C 15 13.18 18.04 27.78
CA GLY C 15 12.63 18.92 28.79
C GLY C 15 11.63 18.16 29.63
N GLU C 16 10.47 18.79 29.90
CA GLU C 16 9.41 18.11 30.61
C GLU C 16 8.88 16.96 29.76
N ALA C 17 8.79 15.77 30.38
CA ALA C 17 8.36 14.56 29.69
C ALA C 17 7.03 14.77 28.96
N ASN C 18 6.98 14.35 27.71
CA ASN C 18 5.79 14.54 26.89
C ASN C 18 5.30 13.22 26.29
N PRO C 19 4.48 12.48 27.05
CA PRO C 19 3.96 11.16 26.63
C PRO C 19 3.19 11.21 25.32
N ARG C 20 2.44 12.27 25.05
CA ARG C 20 1.65 12.34 23.83
C ARG C 20 2.56 12.41 22.61
N PHE C 21 3.67 13.11 22.74
CA PHE C 21 4.65 13.18 21.66
C PHE C 21 5.42 11.88 21.55
N ALA C 22 5.68 11.25 22.69
CA ALA C 22 6.39 9.98 22.72
C ALA C 22 5.67 8.93 21.86
N GLN C 23 4.34 9.01 21.84
CA GLN C 23 3.55 8.10 21.03
C GLN C 23 3.75 8.38 19.54
N LEU C 24 3.79 9.66 19.17
CA LEU C 24 4.08 10.04 17.80
C LEU C 24 5.48 9.56 17.41
N LEU C 25 6.37 9.54 18.39
CA LEU C 25 7.76 9.17 18.17
C LEU C 25 7.94 7.67 17.93
N LEU C 26 6.96 6.87 18.33
CA LEU C 26 6.96 5.43 18.07
C LEU C 26 7.03 5.13 16.58
N GLU C 27 6.63 6.10 15.77
CA GLU C 27 6.66 5.97 14.32
C GLU C 27 8.07 5.69 13.82
N GLN C 28 9.06 6.17 14.57
CA GLN C 28 10.46 5.96 14.20
C GLN C 28 11.08 4.79 14.96
N PHE C 29 10.29 4.17 15.85
CA PHE C 29 10.73 2.98 16.54
C PHE C 29 10.12 1.75 15.86
N GLY C 30 8.79 1.65 15.92
CA GLY C 30 8.09 0.52 15.36
C GLY C 30 7.25 0.81 14.13
N GLY C 31 7.50 1.96 13.49
CA GLY C 31 6.74 2.36 12.32
C GLY C 31 7.40 2.00 11.00
N ALA C 32 6.65 2.19 9.91
CA ALA C 32 7.09 1.81 8.57
C ALA C 32 8.40 2.47 8.15
N THR C 33 8.49 3.79 8.33
CA THR C 33 9.69 4.53 7.98
C THR C 33 10.69 4.55 9.14
N GLY C 34 10.40 3.80 10.18
CA GLY C 34 11.20 3.82 11.40
C GLY C 34 12.57 3.18 11.29
N GLU C 35 13.27 3.14 12.42
CA GLU C 35 14.66 2.69 12.48
C GLU C 35 14.82 1.17 12.36
N LEU C 36 13.86 0.43 12.90
CA LEU C 36 13.89 -1.02 12.79
C LEU C 36 13.78 -1.44 11.33
N SER C 37 12.97 -0.72 10.57
CA SER C 37 12.78 -1.00 9.16
C SER C 37 14.09 -0.87 8.40
N ALA C 38 14.75 0.28 8.55
CA ALA C 38 16.02 0.53 7.89
C ALA C 38 17.07 -0.50 8.28
N ALA C 39 17.23 -0.68 9.59
CA ALA C 39 18.23 -1.61 10.13
C ALA C 39 18.05 -3.02 9.58
N LEU C 40 16.81 -3.48 9.51
CA LEU C 40 16.54 -4.85 9.07
C LEU C 40 16.54 -4.99 7.57
N GLN C 41 16.19 -3.93 6.86
CA GLN C 41 16.20 -3.99 5.40
C GLN C 41 17.62 -4.10 4.87
N TYR C 42 18.48 -3.16 5.26
CA TYR C 42 19.85 -3.12 4.77
C TYR C 42 20.62 -4.37 5.19
N TRP C 43 20.25 -4.93 6.34
CA TRP C 43 20.98 -6.06 6.88
C TRP C 43 20.59 -7.37 6.17
N VAL C 44 19.30 -7.57 5.95
CA VAL C 44 18.84 -8.80 5.30
C VAL C 44 19.23 -8.79 3.82
N GLN C 45 19.42 -7.59 3.27
CA GLN C 45 19.91 -7.43 1.90
C GLN C 45 21.34 -7.92 1.78
N SER C 46 22.15 -7.63 2.79
CA SER C 46 23.58 -7.93 2.78
C SER C 46 23.88 -9.42 2.59
N PHE C 47 22.92 -10.28 2.96
CA PHE C 47 23.11 -11.72 2.86
C PHE C 47 23.11 -12.23 1.41
N HIS C 48 22.49 -11.49 0.50
CA HIS C 48 22.44 -11.92 -0.89
C HIS C 48 23.11 -10.92 -1.83
N VAL C 49 23.76 -9.92 -1.25
CA VAL C 49 24.56 -8.98 -2.04
C VAL C 49 25.96 -9.57 -2.25
N GLU C 50 26.28 -9.87 -3.49
CA GLU C 50 27.52 -10.58 -3.81
C GLU C 50 28.75 -9.68 -3.72
N ASN C 51 28.63 -8.46 -4.24
CA ASN C 51 29.73 -7.50 -4.19
C ASN C 51 30.09 -7.13 -2.75
N ALA C 52 31.29 -7.52 -2.33
CA ALA C 52 31.73 -7.31 -0.96
C ALA C 52 31.78 -5.83 -0.59
N GLY C 53 32.05 -4.98 -1.58
CA GLY C 53 32.11 -3.55 -1.36
C GLY C 53 30.79 -2.97 -0.90
N ILE C 54 29.71 -3.41 -1.53
CA ILE C 54 28.37 -2.93 -1.20
C ILE C 54 27.78 -3.69 -0.02
N LYS C 55 28.10 -4.98 0.09
CA LYS C 55 27.68 -5.79 1.24
C LYS C 55 28.20 -5.19 2.54
N ASP C 56 29.43 -4.67 2.49
CA ASP C 56 30.01 -4.02 3.65
C ASP C 56 29.28 -2.72 3.97
N MET C 57 29.00 -1.93 2.93
CA MET C 57 28.31 -0.66 3.11
C MET C 57 26.95 -0.87 3.77
N LEU C 58 26.21 -1.87 3.29
CA LEU C 58 24.90 -2.19 3.85
C LEU C 58 25.01 -2.52 5.33
N GLN C 59 26.03 -3.29 5.69
CA GLN C 59 26.23 -3.69 7.08
C GLN C 59 26.65 -2.53 7.98
N ASP C 60 27.51 -1.64 7.49
CA ASP C 60 27.90 -0.45 8.24
C ASP C 60 26.69 0.42 8.54
N ILE C 61 25.93 0.74 7.50
CA ILE C 61 24.74 1.57 7.63
C ILE C 61 23.68 0.90 8.49
N ALA C 62 23.52 -0.42 8.33
CA ALA C 62 22.54 -1.16 9.12
C ALA C 62 22.87 -1.07 10.61
N ILE C 63 24.13 -1.32 10.96
CA ILE C 63 24.58 -1.26 12.35
C ILE C 63 24.36 0.14 12.92
N GLU C 64 24.56 1.16 12.09
CA GLU C 64 24.32 2.53 12.53
C GLU C 64 22.83 2.72 12.85
N GLU C 65 21.97 2.09 12.05
CA GLU C 65 20.53 2.23 12.24
C GLU C 65 20.08 1.55 13.54
N PHE C 66 20.74 0.46 13.91
CA PHE C 66 20.48 -0.19 15.19
C PHE C 66 20.78 0.77 16.34
N SER C 67 21.74 1.66 16.14
CA SER C 67 22.11 2.65 17.14
C SER C 67 21.15 3.84 17.12
N HIS C 68 20.58 4.12 15.96
CA HIS C 68 19.53 5.14 15.87
C HIS C 68 18.29 4.62 16.57
N LEU C 69 17.99 3.34 16.34
CA LEU C 69 16.85 2.67 16.96
C LEU C 69 16.99 2.72 18.47
N GLU C 70 18.19 2.49 18.96
CA GLU C 70 18.49 2.57 20.38
C GLU C 70 18.19 3.97 20.91
N MET C 71 18.54 4.98 20.11
CA MET C 71 18.41 6.37 20.53
C MET C 71 16.95 6.81 20.66
N VAL C 72 16.16 6.50 19.63
CA VAL C 72 14.73 6.81 19.63
C VAL C 72 14.03 6.15 20.82
N GLY C 73 14.41 4.90 21.09
CA GLY C 73 13.88 4.18 22.23
C GLY C 73 14.19 4.85 23.56
N LYS C 74 15.28 5.61 23.61
CA LYS C 74 15.66 6.32 24.84
C LYS C 74 14.86 7.60 24.99
N LEU C 75 14.60 8.27 23.88
CA LEU C 75 13.74 9.46 23.87
C LEU C 75 12.34 9.10 24.36
N ILE C 76 11.86 7.94 23.91
CA ILE C 76 10.52 7.49 24.26
C ILE C 76 10.48 7.06 25.72
N GLU C 77 11.57 6.46 26.20
CA GLU C 77 11.69 6.08 27.61
C GLU C 77 11.63 7.32 28.50
N ALA C 78 12.39 8.34 28.12
CA ALA C 78 12.46 9.57 28.89
C ALA C 78 11.15 10.35 28.85
N HIS C 79 10.49 10.36 27.69
CA HIS C 79 9.26 11.12 27.52
C HIS C 79 8.04 10.40 28.11
N THR C 80 8.26 9.19 28.62
CA THR C 80 7.21 8.46 29.33
C THR C 80 7.68 8.11 30.73
N LYS C 81 8.77 8.74 31.14
CA LYS C 81 9.37 8.50 32.45
C LYS C 81 8.73 9.37 33.53
N ASN C 82 8.34 8.73 34.64
CA ASN C 82 7.77 9.41 35.80
C ASN C 82 6.64 10.36 35.47
N VAL C 83 5.70 9.90 34.66
CA VAL C 83 4.54 10.71 34.29
C VAL C 83 3.29 9.84 34.18
N ASP C 84 3.33 8.66 34.80
CA ASP C 84 2.27 7.68 34.60
C ASP C 84 0.98 8.00 35.38
N GLN C 85 0.99 9.09 36.15
CA GLN C 85 -0.19 9.49 36.90
C GLN C 85 -0.79 10.77 36.32
N THR C 86 -0.13 11.35 35.33
CA THR C 86 -0.67 12.52 34.63
C THR C 86 -1.77 12.08 33.68
N GLU C 87 -2.64 13.01 33.31
CA GLU C 87 -3.75 12.69 32.41
C GLU C 87 -3.30 12.66 30.96
N ALA C 88 -2.18 13.33 30.67
CA ALA C 88 -1.58 13.29 29.34
C ALA C 88 -1.15 11.87 29.02
N TYR C 89 -0.55 11.22 30.01
CA TYR C 89 -0.13 9.83 29.91
C TYR C 89 -1.34 8.90 29.71
N LYS C 90 -2.40 9.17 30.46
CA LYS C 90 -3.58 8.31 30.47
C LYS C 90 -4.33 8.31 29.13
N SER C 91 -4.02 9.28 28.27
CA SER C 91 -4.66 9.36 26.97
C SER C 91 -3.82 8.70 25.88
N THR C 92 -2.69 8.12 26.28
CA THR C 92 -1.79 7.46 25.33
C THR C 92 -1.90 5.94 25.42
N LEU C 93 -1.33 5.25 24.43
CA LEU C 93 -1.34 3.79 24.45
C LEU C 93 -0.44 3.26 25.56
N PHE C 94 0.48 4.11 26.03
CA PHE C 94 1.39 3.72 27.09
C PHE C 94 0.63 3.37 28.37
N ALA C 95 -0.56 3.94 28.52
CA ALA C 95 -1.40 3.70 29.69
C ALA C 95 -1.76 2.22 29.84
N VAL C 96 -1.87 1.52 28.72
CA VAL C 96 -2.23 0.11 28.73
C VAL C 96 -1.09 -0.80 28.28
N ARG C 97 -0.15 -0.25 27.52
CA ARG C 97 0.99 -1.02 27.02
C ARG C 97 2.21 -0.90 27.92
N GLY C 98 2.12 -0.02 28.92
CA GLY C 98 3.24 0.24 29.82
C GLY C 98 4.18 1.31 29.28
N MET C 99 4.98 1.89 30.17
CA MET C 99 5.94 2.93 29.78
C MET C 99 7.05 2.36 28.90
N GLY C 100 7.73 3.23 28.18
CA GLY C 100 8.85 2.81 27.36
C GLY C 100 8.43 2.54 25.93
N PRO C 101 9.42 2.41 25.03
CA PRO C 101 9.14 2.13 23.61
C PRO C 101 8.47 0.77 23.42
N HIS C 102 7.74 0.64 22.33
CA HIS C 102 7.16 -0.62 21.91
C HIS C 102 7.24 -0.68 20.41
N PHE C 103 7.44 -1.87 19.86
CA PHE C 103 7.62 -2.01 18.42
C PHE C 103 6.31 -1.88 17.65
N LEU C 104 5.64 -0.74 17.84
CA LEU C 104 4.46 -0.36 17.09
C LEU C 104 4.63 1.07 16.60
N ASP C 105 3.78 1.50 15.66
CA ASP C 105 3.82 2.89 15.22
C ASP C 105 2.96 3.76 16.11
N SER C 106 2.71 5.00 15.68
CA SER C 106 1.96 5.95 16.50
C SER C 106 0.48 5.61 16.57
N GLN C 107 0.04 4.69 15.72
CA GLN C 107 -1.35 4.30 15.66
C GLN C 107 -1.62 3.00 16.40
N GLY C 108 -0.56 2.42 16.96
CA GLY C 108 -0.67 1.17 17.70
C GLY C 108 -0.51 -0.05 16.82
N ASN C 109 -0.20 0.17 15.53
CA ASN C 109 0.02 -0.93 14.61
C ASN C 109 1.36 -1.61 14.85
N ALA C 110 1.34 -2.91 15.15
CA ALA C 110 2.56 -3.68 15.34
C ALA C 110 3.44 -3.60 14.09
N TRP C 111 4.75 -3.63 14.29
CA TRP C 111 5.68 -3.62 13.16
C TRP C 111 5.53 -4.90 12.34
N THR C 112 5.44 -4.75 11.03
CA THR C 112 5.37 -5.88 10.12
C THR C 112 6.56 -5.88 9.17
N ALA C 113 7.00 -7.07 8.76
CA ALA C 113 8.09 -7.18 7.80
C ALA C 113 7.64 -6.84 6.39
N SER C 114 6.33 -6.58 6.24
CA SER C 114 5.79 -6.14 4.95
C SER C 114 6.24 -4.70 4.68
N TYR C 115 6.70 -4.03 5.72
CA TYR C 115 7.35 -2.72 5.59
C TYR C 115 8.61 -2.82 4.75
N LEU C 116 9.26 -3.97 4.77
CA LEU C 116 10.55 -4.15 4.10
C LEU C 116 10.41 -4.24 2.59
N ASN C 117 11.47 -3.82 1.89
CA ASN C 117 11.52 -3.86 0.44
C ASN C 117 12.91 -4.33 0.01
N GLU C 118 13.03 -5.61 -0.31
CA GLU C 118 14.32 -6.19 -0.64
C GLU C 118 14.20 -7.47 -1.47
N GLY C 119 15.31 -7.85 -2.10
CA GLY C 119 15.37 -9.08 -2.87
C GLY C 119 15.97 -8.91 -4.25
N GLY C 120 16.48 -10.01 -4.80
CA GLY C 120 16.99 -10.02 -6.17
C GLY C 120 18.25 -9.21 -6.41
N ASP C 121 18.20 -8.35 -7.44
CA ASP C 121 19.37 -7.61 -7.89
C ASP C 121 19.71 -6.45 -6.94
N VAL C 122 20.99 -6.10 -6.88
CA VAL C 122 21.46 -5.03 -6.00
C VAL C 122 20.82 -3.69 -6.38
N VAL C 123 20.46 -3.52 -7.65
CA VAL C 123 19.86 -2.27 -8.10
C VAL C 123 18.52 -2.03 -7.38
N ARG C 124 17.71 -3.08 -7.26
CA ARG C 124 16.46 -2.97 -6.51
C ARG C 124 16.71 -2.61 -5.05
N ASP C 125 17.63 -3.32 -4.42
CA ASP C 125 17.98 -3.08 -3.03
C ASP C 125 18.39 -1.63 -2.78
N LEU C 126 19.31 -1.12 -3.59
CA LEU C 126 19.79 0.26 -3.43
C LEU C 126 18.67 1.29 -3.69
N ARG C 127 17.86 1.05 -4.71
CA ARG C 127 16.74 1.95 -5.01
C ARG C 127 15.67 1.89 -3.92
N ALA C 128 15.50 0.72 -3.32
CA ALA C 128 14.56 0.56 -2.22
C ALA C 128 15.11 1.25 -0.97
N ASN C 129 16.42 1.21 -0.82
CA ASN C 129 17.07 1.86 0.32
C ASN C 129 16.98 3.37 0.22
N ILE C 130 17.10 3.90 -1.00
CA ILE C 130 16.94 5.32 -1.23
C ILE C 130 15.53 5.76 -0.84
N ALA C 131 14.54 4.96 -1.25
CA ALA C 131 13.15 5.24 -0.95
C ALA C 131 12.87 5.18 0.56
N ALA C 132 13.51 4.23 1.23
CA ALA C 132 13.32 4.05 2.67
C ALA C 132 13.91 5.22 3.46
N GLU C 133 14.99 5.79 2.93
CA GLU C 133 15.61 6.96 3.55
C GLU C 133 14.74 8.20 3.34
N ALA C 134 14.09 8.27 2.19
CA ALA C 134 13.19 9.39 1.91
C ALA C 134 12.01 9.37 2.87
N GLY C 135 11.46 8.17 3.09
CA GLY C 135 10.38 7.99 4.04
C GLY C 135 10.83 8.32 5.45
N ALA C 136 12.06 7.93 5.79
CA ALA C 136 12.60 8.16 7.12
C ALA C 136 12.75 9.65 7.40
N ARG C 137 13.36 10.37 6.46
CA ARG C 137 13.58 11.79 6.61
C ARG C 137 12.26 12.53 6.74
N GLN C 138 11.27 12.09 5.96
CA GLN C 138 9.94 12.69 5.95
C GLN C 138 9.30 12.64 7.34
N THR C 139 9.27 11.46 7.92
CA THR C 139 8.69 11.26 9.25
C THR C 139 9.46 12.07 10.30
N TYR C 140 10.78 12.12 10.17
CA TYR C 140 11.60 12.88 11.10
C TYR C 140 11.30 14.37 11.03
N GLU C 141 10.96 14.86 9.84
CA GLU C 141 10.62 16.26 9.67
C GLU C 141 9.30 16.59 10.38
N GLU C 142 8.32 15.72 10.22
CA GLU C 142 6.99 15.94 10.79
C GLU C 142 7.05 15.89 12.31
N LEU C 143 7.96 15.08 12.85
CA LEU C 143 8.13 14.97 14.29
C LEU C 143 8.86 16.18 14.84
N ILE C 144 9.83 16.68 14.08
CA ILE C 144 10.55 17.90 14.44
C ILE C 144 9.58 19.08 14.51
N LYS C 145 8.66 19.14 13.55
CA LYS C 145 7.64 20.18 13.53
C LYS C 145 6.65 20.06 14.69
N LEU C 146 6.72 18.95 15.41
CA LEU C 146 5.79 18.67 16.51
C LEU C 146 6.53 18.45 17.83
N SER C 147 7.85 18.59 17.78
CA SER C 147 8.69 18.30 18.96
C SER C 147 8.32 19.17 20.15
N PRO C 148 8.40 18.60 21.37
CA PRO C 148 8.02 19.28 22.60
C PRO C 148 9.04 20.35 23.02
N ASP C 149 10.30 19.95 23.16
CA ASP C 149 11.35 20.87 23.58
C ASP C 149 12.45 20.99 22.53
N GLU C 150 13.59 21.57 22.93
CA GLU C 150 14.69 21.82 22.02
C GLU C 150 15.69 20.68 21.99
N GLY C 151 15.90 20.06 23.15
CA GLY C 151 16.80 18.92 23.25
C GLY C 151 16.32 17.77 22.40
N THR C 152 15.00 17.60 22.36
CA THR C 152 14.39 16.58 21.53
C THR C 152 14.52 16.95 20.05
N LYS C 153 14.17 18.19 19.74
CA LYS C 153 14.16 18.70 18.37
C LYS C 153 15.52 18.54 17.69
N GLN C 154 16.60 18.66 18.46
CA GLN C 154 17.93 18.62 17.87
C GLN C 154 18.49 17.20 17.81
N THR C 155 18.02 16.34 18.69
CA THR C 155 18.37 14.92 18.60
C THR C 155 17.71 14.34 17.35
N LEU C 156 16.51 14.84 17.05
CA LEU C 156 15.77 14.42 15.87
C LEU C 156 16.38 15.02 14.61
N VAL C 157 17.01 16.18 14.75
CA VAL C 157 17.70 16.82 13.63
C VAL C 157 18.94 16.03 13.24
N HIS C 158 19.68 15.55 14.23
CA HIS C 158 20.85 14.73 13.98
C HIS C 158 20.48 13.43 13.29
N LEU C 159 19.39 12.83 13.72
CA LEU C 159 18.88 11.62 13.10
C LEU C 159 18.46 11.88 11.65
N LEU C 160 17.70 12.96 11.43
CA LEU C 160 17.27 13.34 10.10
C LEU C 160 18.45 13.62 9.19
N THR C 161 19.53 14.12 9.79
CA THR C 161 20.75 14.42 9.06
C THR C 161 21.39 13.16 8.51
N ARG C 162 21.51 12.14 9.37
CA ARG C 162 22.17 10.90 9.00
C ARG C 162 21.42 10.16 7.89
N GLU C 163 20.12 10.42 7.77
CA GLU C 163 19.33 9.75 6.74
C GLU C 163 19.57 10.42 5.39
N ILE C 164 19.89 11.70 5.41
CA ILE C 164 20.30 12.41 4.20
C ILE C 164 21.69 11.94 3.80
N SER C 165 22.51 11.68 4.80
CA SER C 165 23.83 11.09 4.61
C SER C 165 23.72 9.71 3.96
N HIS C 166 22.92 8.84 4.57
CA HIS C 166 22.67 7.50 4.06
C HIS C 166 22.15 7.53 2.63
N THR C 167 21.26 8.48 2.35
CA THR C 167 20.69 8.65 1.01
C THR C 167 21.79 8.84 -0.01
N GLN C 168 22.82 9.59 0.38
CA GLN C 168 23.96 9.86 -0.49
C GLN C 168 24.78 8.60 -0.73
N MET C 169 25.03 7.85 0.35
CA MET C 169 25.81 6.62 0.29
C MET C 169 25.22 5.63 -0.70
N PHE C 170 23.91 5.41 -0.59
CA PHE C 170 23.21 4.54 -1.52
C PHE C 170 23.25 5.10 -2.94
N MET C 171 23.07 6.41 -3.07
CA MET C 171 23.12 7.07 -4.37
C MET C 171 24.49 6.93 -5.02
N LYS C 172 25.55 6.87 -4.21
CA LYS C 172 26.90 6.71 -4.71
C LYS C 172 27.23 5.24 -4.94
N ALA C 173 26.52 4.35 -4.23
CA ALA C 173 26.70 2.93 -4.44
C ALA C 173 26.13 2.52 -5.80
N LEU C 174 25.05 3.19 -6.19
CA LEU C 174 24.44 2.96 -7.49
C LEU C 174 25.30 3.54 -8.59
N ASP C 175 25.84 4.73 -8.33
CA ASP C 175 26.66 5.45 -9.32
C ASP C 175 27.90 4.65 -9.70
N SER C 176 28.41 3.88 -8.74
CA SER C 176 29.57 3.03 -9.00
C SER C 176 29.21 1.87 -9.93
N LEU C 177 27.92 1.58 -10.02
CA LEU C 177 27.44 0.52 -10.92
C LEU C 177 26.92 1.11 -12.22
N GLY C 178 26.91 2.44 -12.30
CA GLY C 178 26.42 3.12 -13.49
C GLY C 178 24.91 2.98 -13.65
N LYS C 179 24.23 2.75 -12.52
CA LYS C 179 22.80 2.51 -12.54
C LYS C 179 22.02 3.55 -11.73
N LEU C 180 22.62 4.73 -11.55
CA LEU C 180 21.99 5.78 -10.76
C LEU C 180 20.84 6.42 -11.53
N THR C 181 21.11 6.86 -12.76
CA THR C 181 20.11 7.52 -13.58
C THR C 181 19.62 6.61 -14.71
N ASP C 182 20.22 5.44 -14.81
CA ASP C 182 19.83 4.44 -15.82
C ASP C 182 18.69 3.58 -15.29
N PRO C 183 17.49 3.72 -15.89
CA PRO C 183 16.30 3.01 -15.43
C PRO C 183 16.37 1.50 -15.60
N PHE C 184 17.24 1.02 -16.49
CA PHE C 184 17.29 -0.40 -16.82
C PHE C 184 18.23 -1.21 -15.93
N PHE C 185 17.79 -2.42 -15.59
CA PHE C 185 18.64 -3.42 -14.96
C PHE C 185 17.98 -4.78 -15.13
N GLY C 186 18.64 -5.84 -14.66
CA GLY C 186 18.13 -7.18 -14.85
C GLY C 186 18.61 -7.77 -16.16
N ASN C 187 17.87 -8.75 -16.69
CA ASN C 187 18.33 -9.48 -17.87
C ASN C 187 17.30 -9.61 -18.98
N VAL C 188 16.11 -9.06 -18.75
CA VAL C 188 15.04 -9.14 -19.73
C VAL C 188 14.99 -7.88 -20.59
N GLN C 189 15.32 -8.03 -21.87
CA GLN C 189 15.31 -6.89 -22.80
C GLN C 189 13.88 -6.48 -23.13
N PRO C 190 13.61 -5.17 -23.13
CA PRO C 190 12.27 -4.62 -23.36
C PRO C 190 11.80 -4.77 -24.80
N ASP C 191 10.49 -4.74 -25.01
CA ASP C 191 9.95 -4.78 -26.37
C ASP C 191 9.82 -3.38 -26.94
N GLU C 192 9.03 -3.23 -28.00
CA GLU C 192 8.97 -1.98 -28.74
C GLU C 192 8.14 -0.90 -28.06
N THR C 193 7.38 -1.26 -27.03
CA THR C 193 6.49 -0.30 -26.38
C THR C 193 7.15 0.41 -25.20
N VAL C 194 8.47 0.26 -25.08
CA VAL C 194 9.19 0.75 -23.91
C VAL C 194 9.19 2.29 -23.81
N ALA C 195 9.03 2.98 -24.93
CA ALA C 195 9.08 4.43 -24.93
C ALA C 195 7.71 5.06 -25.15
N LEU C 196 6.65 4.30 -24.90
CA LEU C 196 5.28 4.80 -25.08
C LEU C 196 4.72 5.40 -23.79
N TYR C 197 3.86 6.40 -23.94
CA TYR C 197 3.14 6.98 -22.81
C TYR C 197 1.63 7.01 -23.12
N TYR C 198 0.85 6.38 -22.26
CA TYR C 198 -0.60 6.31 -22.48
C TYR C 198 -1.35 7.35 -21.64
N ASN C 199 -2.02 8.28 -22.32
CA ASN C 199 -2.85 9.25 -21.62
C ASN C 199 -4.15 8.61 -21.17
N LEU C 200 -4.09 7.90 -20.05
CA LEU C 200 -5.22 7.11 -19.60
C LEU C 200 -6.06 7.87 -18.59
N SER C 201 -5.53 8.98 -18.09
CA SER C 201 -6.30 9.88 -17.24
C SER C 201 -6.33 11.28 -17.87
N SER C 202 -7.51 11.70 -18.31
CA SER C 202 -7.67 12.99 -18.98
C SER C 202 -8.94 13.70 -18.53
N GLU C 209 -2.15 17.70 -19.65
CA GLU C 209 -0.88 18.08 -19.06
C GLU C 209 0.29 17.33 -19.70
N ARG C 210 1.37 18.06 -19.96
CA ARG C 210 2.55 17.51 -20.60
C ARG C 210 3.82 17.85 -19.84
N GLY C 211 4.83 16.99 -19.96
CA GLY C 211 6.11 17.21 -19.32
C GLY C 211 7.17 16.29 -19.92
N PRO C 212 8.38 16.28 -19.34
CA PRO C 212 9.47 15.43 -19.83
C PRO C 212 9.16 13.93 -19.66
N TRP C 213 8.17 13.62 -18.84
CA TRP C 213 7.77 12.24 -18.58
C TRP C 213 6.84 11.69 -19.67
N ASN C 214 6.33 12.58 -20.53
CA ASN C 214 5.46 12.15 -21.61
C ASN C 214 5.71 12.90 -22.92
N SER C 215 6.94 13.38 -23.12
CA SER C 215 7.27 14.12 -24.32
C SER C 215 8.56 13.64 -24.96
N GLU C 216 8.77 14.04 -26.21
CA GLU C 216 10.01 13.77 -26.94
C GLU C 216 11.16 14.49 -26.26
N PRO C 217 12.39 13.94 -26.36
CA PRO C 217 12.78 12.74 -27.09
C PRO C 217 12.61 11.46 -26.29
N ALA C 218 12.17 11.58 -25.04
CA ALA C 218 12.10 10.46 -24.12
C ALA C 218 10.95 9.51 -24.41
N PHE C 219 9.80 10.05 -24.83
CA PHE C 219 8.62 9.22 -25.04
C PHE C 219 7.81 9.59 -26.28
N LYS C 220 7.14 8.58 -26.84
CA LYS C 220 6.11 8.82 -27.85
C LYS C 220 4.76 8.90 -27.16
N TYR C 221 4.21 10.11 -27.08
CA TYR C 221 2.95 10.36 -26.40
C TYR C 221 1.75 9.80 -27.18
N VAL C 222 0.86 9.12 -26.47
CA VAL C 222 -0.36 8.59 -27.08
C VAL C 222 -1.59 9.23 -26.44
N ALA C 223 -2.07 10.30 -27.06
CA ALA C 223 -3.08 11.16 -26.47
C ALA C 223 -4.43 10.47 -26.25
N ASN C 224 -4.68 9.40 -26.99
CA ASN C 224 -5.99 8.76 -26.95
C ASN C 224 -5.98 7.28 -27.31
N PRO C 225 -6.00 6.41 -26.29
CA PRO C 225 -6.19 4.97 -26.49
C PRO C 225 -7.68 4.59 -26.46
MN MN D . -19.76 2.79 -2.87
MN MN E . -21.95 -0.39 -3.24
CA CA F . -22.21 -3.17 -18.65
CA CA G . -5.18 3.12 16.40
O1 PG4 H . -15.47 17.03 14.60
C1 PG4 H . -15.49 15.58 14.84
C2 PG4 H . -14.46 15.22 15.89
O2 PG4 H . -14.90 14.13 16.66
C3 PG4 H . -14.61 12.83 16.10
C4 PG4 H . -13.12 12.76 15.62
O3 PG4 H . -12.48 11.58 16.14
C5 PG4 H . -11.36 11.10 15.36
C6 PG4 H . -10.33 12.25 15.14
O4 PG4 H . -9.02 11.78 15.32
C7 PG4 H . -8.51 12.02 16.61
C8 PG4 H . -7.59 10.80 17.06
O5 PG4 H . -7.26 10.94 18.41
MN MN I . 2.44 -2.84 -14.09
MN MN J . 4.76 0.02 -13.27
CA CA K . 0.03 -14.07 6.28
CA CA L . -3.00 12.68 -18.78
MN MN M . 18.26 6.19 11.01
MN MN N . 18.93 5.80 7.31
CA CA O . 33.03 -1.68 6.96
#